data_1Y1P
#
_entry.id   1Y1P
#
_cell.length_a   55.000
_cell.length_b   83.391
_cell.length_c   148.324
_cell.angle_alpha   90.00
_cell.angle_beta   90.00
_cell.angle_gamma   90.00
#
_symmetry.space_group_name_H-M   'P 21 21 21'
#
loop_
_entity.id
_entity.type
_entity.pdbx_description
1 polymer 'Aldehyde reductase II'
2 non-polymer 'SULFATE ION'
3 non-polymer 'ACETATE ION'
4 non-polymer 'BETA-NICOTINAMIDE RIBOSE MONOPHOSPHATE'
5 non-polymer 'ADENOSINE MONOPHOSPHATE'
6 non-polymer 'PHOSPHATE ION'
7 water water
#
_entity_poly.entity_id   1
_entity_poly.type   'polypeptide(L)'
_entity_poly.pdbx_seq_one_letter_code
;AKIDNAVLPEGSLVLVTGANGFVASHVVEQLLEHGYKVRGTARSASKLANLQKRWDAKYPGRFETAVVEDMLKQGAYDEV
IKGAAGVAHIASVVSFSNKYDEVVTPAIGGTLNALRAAAATPSVKRFVLTSSTVSALIPKPNVEGIYLDEKSWNLESIDK
AKTLPESDPQKSLWVYAASKTEAELAAWKFMDENKPHFTLNAVLPNYTIGTIFDPETQSGSTSGWMMSLFNGEVSPALAL
MPPQYYVSAVDIGLLHLGCLVLPQIERRRVYGTAGTFDWNTVLATFRKLYPSKTFPADFPDQGQDLSKFDTAPSLEILKS
LGRPGWRSIEESIKDLVGSETA
;
_entity_poly.pdbx_strand_id   A,B
#
# COMPACT_ATOMS: atom_id res chain seq x y z
N ALA A 1 7.55 -33.06 4.10
CA ALA A 1 6.52 -33.98 3.55
C ALA A 1 6.89 -34.41 2.14
N LYS A 2 5.89 -34.57 1.29
CA LYS A 2 6.13 -34.97 -0.10
C LYS A 2 7.15 -34.04 -0.71
N ILE A 3 6.82 -32.75 -0.71
CA ILE A 3 7.65 -31.71 -1.29
C ILE A 3 8.95 -31.42 -0.54
N ASP A 4 10.05 -31.96 -1.06
CA ASP A 4 11.36 -31.74 -0.45
C ASP A 4 11.87 -30.37 -0.87
N ASN A 5 12.59 -29.72 0.04
CA ASN A 5 13.16 -28.40 -0.21
C ASN A 5 12.09 -27.36 -0.52
N ALA A 6 10.88 -27.57 0.00
CA ALA A 6 9.78 -26.63 -0.21
C ALA A 6 10.22 -25.26 0.30
N VAL A 7 9.88 -24.20 -0.43
CA VAL A 7 10.26 -22.86 -0.01
C VAL A 7 9.42 -22.37 1.16
N LEU A 8 8.22 -22.93 1.30
CA LEU A 8 7.33 -22.59 2.41
C LEU A 8 7.32 -23.79 3.34
N PRO A 9 7.69 -23.58 4.61
CA PRO A 9 7.72 -24.66 5.61
C PRO A 9 6.41 -25.42 5.74
N GLU A 10 6.50 -26.67 6.19
CA GLU A 10 5.33 -27.51 6.38
C GLU A 10 4.32 -26.82 7.27
N GLY A 11 3.05 -26.89 6.87
CA GLY A 11 1.99 -26.28 7.66
C GLY A 11 1.87 -24.77 7.55
N SER A 12 2.67 -24.16 6.68
CA SER A 12 2.62 -22.71 6.49
C SER A 12 1.23 -22.26 6.08
N LEU A 13 0.91 -21.01 6.41
CA LEU A 13 -0.39 -20.44 6.07
C LEU A 13 -0.34 -19.76 4.71
N VAL A 14 -1.31 -20.07 3.86
CA VAL A 14 -1.39 -19.46 2.54
C VAL A 14 -2.71 -18.73 2.42
N LEU A 15 -2.66 -17.48 1.97
CA LEU A 15 -3.88 -16.70 1.78
C LEU A 15 -4.33 -16.94 0.34
N VAL A 16 -5.58 -17.32 0.15
CA VAL A 16 -6.11 -17.56 -1.19
C VAL A 16 -7.32 -16.63 -1.35
N THR A 17 -7.23 -15.70 -2.29
CA THR A 17 -8.32 -14.77 -2.51
C THR A 17 -9.40 -15.32 -3.42
N GLY A 18 -10.66 -15.07 -3.07
CA GLY A 18 -11.77 -15.56 -3.86
C GLY A 18 -11.82 -17.07 -3.78
N ALA A 19 -11.61 -17.60 -2.57
CA ALA A 19 -11.60 -19.04 -2.32
C ALA A 19 -12.90 -19.79 -2.64
N ASN A 20 -14.00 -19.06 -2.81
CA ASN A 20 -15.28 -19.71 -3.13
C ASN A 20 -15.40 -19.96 -4.63
N GLY A 21 -14.45 -19.44 -5.39
CA GLY A 21 -14.47 -19.62 -6.84
C GLY A 21 -14.11 -21.05 -7.24
N PHE A 22 -14.40 -21.40 -8.48
CA PHE A 22 -14.11 -22.75 -8.97
C PHE A 22 -12.62 -23.10 -8.95
N VAL A 23 -11.81 -22.35 -9.71
CA VAL A 23 -10.38 -22.61 -9.75
C VAL A 23 -9.77 -22.49 -8.36
N ALA A 24 -10.13 -21.42 -7.65
CA ALA A 24 -9.60 -21.20 -6.31
C ALA A 24 -9.88 -22.37 -5.37
N SER A 25 -11.09 -22.92 -5.40
CA SER A 25 -11.43 -24.03 -4.53
C SER A 25 -10.52 -25.24 -4.76
N HIS A 26 -10.06 -25.41 -5.99
CA HIS A 26 -9.16 -26.53 -6.30
C HIS A 26 -7.78 -26.22 -5.81
N VAL A 27 -7.38 -24.96 -5.88
CA VAL A 27 -6.08 -24.53 -5.38
C VAL A 27 -6.06 -24.76 -3.87
N VAL A 28 -7.15 -24.42 -3.20
CA VAL A 28 -7.27 -24.61 -1.75
C VAL A 28 -7.18 -26.09 -1.43
N GLU A 29 -7.99 -26.89 -2.13
CA GLU A 29 -8.01 -28.33 -1.92
C GLU A 29 -6.61 -28.93 -2.01
N GLN A 30 -5.85 -28.57 -3.03
CA GLN A 30 -4.51 -29.11 -3.19
C GLN A 30 -3.57 -28.64 -2.08
N LEU A 31 -3.75 -27.40 -1.62
CA LEU A 31 -2.91 -26.90 -0.54
C LEU A 31 -3.20 -27.66 0.74
N LEU A 32 -4.48 -27.87 1.04
CA LEU A 32 -4.86 -28.60 2.25
C LEU A 32 -4.38 -30.04 2.19
N GLU A 33 -4.48 -30.64 1.01
CA GLU A 33 -4.04 -32.02 0.81
C GLU A 33 -2.56 -32.18 1.12
N HIS A 34 -1.79 -31.12 0.85
CA HIS A 34 -0.36 -31.15 1.09
C HIS A 34 0.09 -30.63 2.46
N GLY A 35 -0.86 -30.51 3.38
CA GLY A 35 -0.54 -30.07 4.73
C GLY A 35 -0.44 -28.59 5.04
N TYR A 36 -0.76 -27.74 4.08
CA TYR A 36 -0.69 -26.30 4.32
C TYR A 36 -2.01 -25.78 4.88
N LYS A 37 -1.93 -24.74 5.71
CA LYS A 37 -3.13 -24.16 6.26
C LYS A 37 -3.56 -23.06 5.29
N VAL A 38 -4.86 -22.86 5.16
CA VAL A 38 -5.35 -21.86 4.24
C VAL A 38 -6.39 -20.94 4.85
N ARG A 39 -6.26 -19.66 4.54
CA ARG A 39 -7.22 -18.67 4.96
C ARG A 39 -7.73 -18.21 3.60
N GLY A 40 -8.99 -18.54 3.32
CA GLY A 40 -9.57 -18.18 2.04
C GLY A 40 -10.56 -17.04 2.14
N THR A 41 -10.43 -16.07 1.25
CA THR A 41 -11.33 -14.92 1.28
C THR A 41 -12.51 -15.07 0.34
N ALA A 42 -13.60 -14.38 0.69
CA ALA A 42 -14.82 -14.38 -0.10
C ALA A 42 -15.52 -13.09 0.26
N ARG A 43 -16.37 -12.60 -0.63
CA ARG A 43 -17.06 -11.35 -0.36
C ARG A 43 -18.09 -11.48 0.78
N SER A 44 -18.35 -12.72 1.19
CA SER A 44 -19.25 -12.98 2.30
C SER A 44 -18.89 -14.34 2.87
N ALA A 45 -19.14 -14.53 4.17
CA ALA A 45 -18.84 -15.82 4.78
C ALA A 45 -19.80 -16.87 4.25
N SER A 46 -21.03 -16.45 3.94
CA SER A 46 -22.03 -17.39 3.43
C SER A 46 -21.58 -18.03 2.11
N LYS A 47 -20.92 -17.25 1.27
CA LYS A 47 -20.45 -17.77 -0.01
C LYS A 47 -19.48 -18.94 0.15
N LEU A 48 -18.81 -19.00 1.31
CA LEU A 48 -17.87 -20.07 1.58
C LEU A 48 -18.40 -21.13 2.54
N ALA A 49 -19.61 -20.94 3.04
CA ALA A 49 -20.20 -21.86 4.01
C ALA A 49 -20.19 -23.35 3.62
N ASN A 50 -20.62 -23.67 2.42
CA ASN A 50 -20.65 -25.06 2.00
C ASN A 50 -19.24 -25.62 1.84
N LEU A 51 -18.34 -24.82 1.27
CA LEU A 51 -16.96 -25.26 1.10
C LEU A 51 -16.26 -25.39 2.45
N GLN A 52 -16.58 -24.49 3.38
CA GLN A 52 -15.99 -24.55 4.71
C GLN A 52 -16.37 -25.88 5.35
N LYS A 53 -17.64 -26.25 5.22
CA LYS A 53 -18.13 -27.50 5.78
C LYS A 53 -17.41 -28.70 5.15
N ARG A 54 -17.21 -28.62 3.84
CA ARG A 54 -16.52 -29.70 3.13
C ARG A 54 -15.09 -29.84 3.65
N TRP A 55 -14.39 -28.73 3.74
CA TRP A 55 -13.00 -28.75 4.20
C TRP A 55 -12.83 -29.06 5.68
N ASP A 56 -13.83 -28.72 6.50
CA ASP A 56 -13.77 -29.00 7.92
C ASP A 56 -13.86 -30.51 8.15
N ALA A 57 -14.63 -31.17 7.28
CA ALA A 57 -14.81 -32.62 7.37
C ALA A 57 -13.62 -33.38 6.82
N LYS A 58 -13.07 -32.90 5.71
CA LYS A 58 -11.93 -33.56 5.07
C LYS A 58 -10.59 -33.17 5.65
N TYR A 59 -10.45 -31.89 6.02
CA TYR A 59 -9.21 -31.38 6.59
C TYR A 59 -9.54 -30.57 7.85
N PRO A 60 -9.90 -31.26 8.93
CA PRO A 60 -10.24 -30.62 10.21
C PRO A 60 -9.29 -29.51 10.66
N GLY A 61 -9.84 -28.32 10.83
CA GLY A 61 -9.08 -27.17 11.30
C GLY A 61 -7.96 -26.65 10.41
N ARG A 62 -7.99 -26.96 9.12
CA ARG A 62 -6.93 -26.52 8.22
C ARG A 62 -7.35 -25.31 7.38
N PHE A 63 -8.65 -25.15 7.14
CA PHE A 63 -9.16 -24.03 6.36
C PHE A 63 -9.93 -23.04 7.21
N GLU A 64 -9.72 -21.76 6.94
CA GLU A 64 -10.38 -20.69 7.67
C GLU A 64 -11.00 -19.68 6.71
N THR A 65 -12.28 -19.38 6.91
CA THR A 65 -12.98 -18.41 6.07
C THR A 65 -12.58 -17.01 6.51
N ALA A 66 -12.34 -16.14 5.54
CA ALA A 66 -11.96 -14.76 5.82
C ALA A 66 -12.82 -13.89 4.92
N VAL A 67 -13.46 -12.88 5.49
CA VAL A 67 -14.31 -12.01 4.69
C VAL A 67 -13.62 -10.75 4.19
N VAL A 68 -13.69 -10.56 2.87
CA VAL A 68 -13.13 -9.39 2.20
C VAL A 68 -14.20 -8.99 1.19
N GLU A 69 -15.07 -8.08 1.60
CA GLU A 69 -16.17 -7.64 0.76
C GLU A 69 -15.77 -6.80 -0.45
N ASP A 70 -14.68 -6.07 -0.32
CA ASP A 70 -14.20 -5.21 -1.39
C ASP A 70 -12.70 -5.43 -1.61
N MET A 71 -12.34 -6.17 -2.65
CA MET A 71 -10.93 -6.45 -2.91
C MET A 71 -10.13 -5.27 -3.41
N LEU A 72 -10.80 -4.14 -3.65
CA LEU A 72 -10.14 -2.93 -4.13
C LEU A 72 -9.90 -1.95 -2.98
N LYS A 73 -10.61 -2.16 -1.87
CA LYS A 73 -10.51 -1.28 -0.72
C LYS A 73 -9.12 -1.20 -0.11
N GLN A 74 -8.71 0.01 0.23
CA GLN A 74 -7.41 0.22 0.84
C GLN A 74 -7.38 -0.48 2.20
N GLY A 75 -6.38 -1.34 2.41
CA GLY A 75 -6.26 -2.06 3.67
C GLY A 75 -7.12 -3.32 3.77
N ALA A 76 -7.76 -3.68 2.67
CA ALA A 76 -8.63 -4.85 2.63
C ALA A 76 -8.01 -6.14 3.17
N TYR A 77 -6.70 -6.32 2.99
CA TYR A 77 -6.02 -7.53 3.44
C TYR A 77 -5.18 -7.40 4.70
N ASP A 78 -5.18 -6.22 5.29
CA ASP A 78 -4.37 -6.00 6.49
C ASP A 78 -4.49 -7.09 7.54
N GLU A 79 -5.72 -7.52 7.84
CA GLU A 79 -5.93 -8.55 8.84
C GLU A 79 -5.77 -10.00 8.35
N VAL A 80 -6.37 -10.30 7.20
CA VAL A 80 -6.32 -11.66 6.69
C VAL A 80 -4.95 -12.16 6.21
N ILE A 81 -4.06 -11.25 5.84
CA ILE A 81 -2.74 -11.63 5.36
C ILE A 81 -1.73 -11.84 6.49
N LYS A 82 -2.11 -11.43 7.70
CA LYS A 82 -1.21 -11.55 8.84
C LYS A 82 -0.71 -12.97 9.07
N GLY A 83 0.61 -13.14 9.02
CA GLY A 83 1.21 -14.43 9.24
C GLY A 83 1.33 -15.31 8.01
N ALA A 84 0.72 -14.91 6.91
CA ALA A 84 0.78 -15.72 5.69
C ALA A 84 2.20 -15.80 5.13
N ALA A 85 2.58 -16.98 4.66
CA ALA A 85 3.89 -17.18 4.06
C ALA A 85 3.74 -17.14 2.55
N GLY A 86 2.52 -17.41 2.09
CA GLY A 86 2.26 -17.40 0.66
C GLY A 86 0.91 -16.78 0.38
N VAL A 87 0.75 -16.26 -0.84
CA VAL A 87 -0.49 -15.66 -1.26
C VAL A 87 -0.80 -16.12 -2.68
N ALA A 88 -2.05 -16.48 -2.91
CA ALA A 88 -2.50 -16.89 -4.23
C ALA A 88 -3.64 -15.94 -4.54
N HIS A 89 -3.42 -15.01 -5.46
CA HIS A 89 -4.47 -14.07 -5.82
C HIS A 89 -5.20 -14.63 -7.03
N ILE A 90 -6.42 -15.12 -6.79
CA ILE A 90 -7.20 -15.77 -7.82
C ILE A 90 -8.45 -15.00 -8.27
N ALA A 91 -9.04 -14.26 -7.35
CA ALA A 91 -10.25 -13.49 -7.66
C ALA A 91 -10.06 -12.44 -8.76
N SER A 92 -11.01 -12.40 -9.68
CA SER A 92 -10.98 -11.43 -10.78
C SER A 92 -12.39 -11.33 -11.37
N VAL A 93 -12.65 -10.26 -12.13
CA VAL A 93 -13.96 -10.05 -12.73
C VAL A 93 -14.26 -11.04 -13.85
N VAL A 94 -15.31 -11.82 -13.66
CA VAL A 94 -15.72 -12.83 -14.64
C VAL A 94 -17.19 -12.67 -15.03
N SER A 95 -17.67 -11.43 -14.98
CA SER A 95 -19.05 -11.14 -15.34
C SER A 95 -19.24 -11.14 -16.85
N PHE A 96 -18.13 -11.05 -17.58
CA PHE A 96 -18.16 -11.03 -19.03
C PHE A 96 -18.99 -9.86 -19.55
N SER A 97 -18.79 -8.72 -18.90
CA SER A 97 -19.47 -7.49 -19.29
C SER A 97 -18.64 -6.88 -20.41
N ASN A 98 -19.29 -6.20 -21.33
CA ASN A 98 -18.58 -5.57 -22.45
C ASN A 98 -18.07 -4.19 -22.07
N LYS A 99 -18.19 -3.86 -20.78
CA LYS A 99 -17.74 -2.57 -20.28
C LYS A 99 -16.29 -2.62 -19.81
N TYR A 100 -15.40 -2.05 -20.61
CA TYR A 100 -13.98 -2.03 -20.31
C TYR A 100 -13.73 -1.53 -18.88
N ASP A 101 -14.47 -0.49 -18.50
CA ASP A 101 -14.35 0.14 -17.19
C ASP A 101 -14.69 -0.78 -16.01
N GLU A 102 -15.73 -1.60 -16.17
CA GLU A 102 -16.18 -2.49 -15.11
C GLU A 102 -15.43 -3.82 -15.05
N VAL A 103 -14.51 -4.04 -15.98
CA VAL A 103 -13.78 -5.29 -16.01
C VAL A 103 -12.26 -5.12 -15.89
N VAL A 104 -11.67 -4.32 -16.79
CA VAL A 104 -10.23 -4.09 -16.80
C VAL A 104 -9.71 -3.36 -15.56
N THR A 105 -10.25 -2.18 -15.30
CA THR A 105 -9.81 -1.38 -14.16
C THR A 105 -9.81 -2.17 -12.84
N PRO A 106 -10.93 -2.81 -12.50
CA PRO A 106 -10.97 -3.58 -11.25
C PRO A 106 -10.00 -4.76 -11.24
N ALA A 107 -9.81 -5.38 -12.41
CA ALA A 107 -8.89 -6.52 -12.50
C ALA A 107 -7.48 -6.10 -12.12
N ILE A 108 -7.03 -4.97 -12.65
CA ILE A 108 -5.71 -4.45 -12.36
C ILE A 108 -5.67 -4.00 -10.91
N GLY A 109 -6.69 -3.25 -10.50
CA GLY A 109 -6.76 -2.76 -9.14
C GLY A 109 -6.72 -3.86 -8.10
N GLY A 110 -7.46 -4.93 -8.34
CA GLY A 110 -7.48 -6.04 -7.39
C GLY A 110 -6.12 -6.71 -7.32
N THR A 111 -5.47 -6.81 -8.47
CA THR A 111 -4.16 -7.44 -8.55
C THR A 111 -3.12 -6.62 -7.79
N LEU A 112 -3.09 -5.31 -8.02
CA LEU A 112 -2.12 -4.47 -7.34
C LEU A 112 -2.39 -4.34 -5.85
N ASN A 113 -3.67 -4.35 -5.46
CA ASN A 113 -4.01 -4.22 -4.04
C ASN A 113 -3.46 -5.44 -3.29
N ALA A 114 -3.56 -6.61 -3.91
CA ALA A 114 -3.06 -7.84 -3.29
C ALA A 114 -1.53 -7.86 -3.28
N LEU A 115 -0.93 -7.41 -4.37
CA LEU A 115 0.54 -7.37 -4.45
C LEU A 115 1.12 -6.40 -3.43
N ARG A 116 0.47 -5.25 -3.26
CA ARG A 116 0.95 -4.25 -2.32
C ARG A 116 0.85 -4.78 -0.89
N ALA A 117 -0.22 -5.51 -0.61
CA ALA A 117 -0.40 -6.09 0.72
C ALA A 117 0.74 -7.07 0.99
N ALA A 118 1.07 -7.89 -0.01
CA ALA A 118 2.15 -8.85 0.14
C ALA A 118 3.49 -8.15 0.33
N ALA A 119 3.70 -7.06 -0.41
CA ALA A 119 4.94 -6.30 -0.31
C ALA A 119 5.10 -5.68 1.08
N ALA A 120 3.98 -5.35 1.71
CA ALA A 120 3.98 -4.74 3.04
C ALA A 120 4.02 -5.76 4.17
N THR A 121 3.99 -7.04 3.81
CA THR A 121 3.99 -8.11 4.81
C THR A 121 5.22 -9.00 4.69
N PRO A 122 6.25 -8.75 5.51
CA PRO A 122 7.50 -9.50 5.51
C PRO A 122 7.38 -11.03 5.51
N SER A 123 6.33 -11.55 6.17
CA SER A 123 6.15 -12.99 6.23
C SER A 123 5.87 -13.64 4.88
N VAL A 124 5.33 -12.86 3.94
CA VAL A 124 5.02 -13.39 2.61
C VAL A 124 6.30 -13.56 1.79
N LYS A 125 6.57 -14.80 1.38
CA LYS A 125 7.76 -15.10 0.59
C LYS A 125 7.46 -15.58 -0.83
N ARG A 126 6.23 -16.02 -1.05
CA ARG A 126 5.80 -16.49 -2.37
C ARG A 126 4.42 -15.96 -2.72
N PHE A 127 4.26 -15.60 -3.98
CA PHE A 127 2.99 -15.06 -4.47
C PHE A 127 2.70 -15.68 -5.83
N VAL A 128 1.52 -16.26 -5.99
CA VAL A 128 1.13 -16.83 -7.27
C VAL A 128 -0.11 -16.11 -7.74
N LEU A 129 -0.07 -15.63 -8.98
CA LEU A 129 -1.17 -14.90 -9.58
C LEU A 129 -1.88 -15.78 -10.61
N THR A 130 -3.21 -15.86 -10.52
CA THR A 130 -3.95 -16.65 -11.49
C THR A 130 -4.27 -15.74 -12.67
N SER A 131 -3.58 -15.97 -13.78
CA SER A 131 -3.79 -15.22 -15.01
C SER A 131 -4.63 -16.13 -15.91
N SER A 132 -4.33 -16.16 -17.21
CA SER A 132 -5.08 -16.99 -18.14
C SER A 132 -4.35 -17.05 -19.48
N THR A 133 -4.66 -18.05 -20.29
CA THR A 133 -4.04 -18.13 -21.60
C THR A 133 -4.49 -16.93 -22.43
N VAL A 134 -5.59 -16.29 -22.05
CA VAL A 134 -6.03 -15.11 -22.81
C VAL A 134 -5.08 -13.93 -22.62
N SER A 135 -4.12 -14.06 -21.70
CA SER A 135 -3.15 -12.99 -21.51
C SER A 135 -2.09 -13.16 -22.58
N ALA A 136 -2.19 -14.26 -23.33
CA ALA A 136 -1.28 -14.54 -24.42
C ALA A 136 -2.02 -14.43 -25.76
N LEU A 137 -3.23 -14.97 -25.81
CA LEU A 137 -4.01 -14.92 -27.05
C LEU A 137 -5.46 -15.36 -26.87
N ILE A 138 -6.26 -15.04 -27.89
CA ILE A 138 -7.64 -15.51 -27.95
C ILE A 138 -7.44 -16.57 -29.05
N PRO A 139 -7.94 -17.79 -28.81
CA PRO A 139 -7.81 -18.89 -29.78
C PRO A 139 -8.21 -18.53 -31.21
N LYS A 140 -7.42 -19.02 -32.16
CA LYS A 140 -7.65 -18.76 -33.58
C LYS A 140 -7.67 -20.11 -34.31
N PRO A 141 -8.87 -20.69 -34.47
CA PRO A 141 -9.07 -21.97 -35.13
C PRO A 141 -8.46 -22.09 -36.53
N ASN A 142 -7.78 -23.22 -36.73
CA ASN A 142 -7.13 -23.57 -38.00
C ASN A 142 -5.96 -22.68 -38.42
N VAL A 143 -5.54 -21.76 -37.55
CA VAL A 143 -4.41 -20.89 -37.86
C VAL A 143 -3.08 -21.53 -37.48
N GLU A 144 -2.17 -21.60 -38.44
CA GLU A 144 -0.84 -22.16 -38.25
C GLU A 144 0.17 -21.12 -37.78
N GLY A 145 1.28 -21.59 -37.24
CA GLY A 145 2.36 -20.72 -36.81
C GLY A 145 2.26 -20.06 -35.45
N ILE A 146 1.34 -20.53 -34.61
CA ILE A 146 1.18 -19.95 -33.30
C ILE A 146 1.86 -20.75 -32.21
N TYR A 147 2.87 -20.14 -31.61
CA TYR A 147 3.60 -20.76 -30.53
C TYR A 147 3.65 -19.74 -29.39
N LEU A 148 3.07 -20.11 -28.25
CA LEU A 148 3.05 -19.24 -27.10
C LEU A 148 4.10 -19.63 -26.08
N ASP A 149 4.92 -18.66 -25.69
CA ASP A 149 5.92 -18.93 -24.66
C ASP A 149 5.73 -17.88 -23.57
N GLU A 150 6.65 -17.81 -22.63
CA GLU A 150 6.51 -16.86 -21.53
C GLU A 150 6.68 -15.39 -21.93
N LYS A 151 6.98 -15.15 -23.19
CA LYS A 151 7.12 -13.77 -23.67
C LYS A 151 5.94 -13.38 -24.55
N SER A 152 4.97 -14.27 -24.66
CA SER A 152 3.78 -14.01 -25.49
C SER A 152 2.71 -13.22 -24.73
N TRP A 153 2.34 -12.07 -25.29
CA TRP A 153 1.34 -11.21 -24.65
C TRP A 153 0.23 -10.86 -25.63
N ASN A 154 -1.00 -10.84 -25.12
CA ASN A 154 -2.17 -10.53 -25.94
C ASN A 154 -2.33 -9.02 -26.08
N LEU A 155 -1.36 -8.39 -26.73
CA LEU A 155 -1.38 -6.96 -26.93
C LEU A 155 -2.57 -6.51 -27.78
N GLU A 156 -3.00 -7.35 -28.71
CA GLU A 156 -4.12 -6.98 -29.56
C GLU A 156 -5.42 -6.82 -28.79
N SER A 157 -5.56 -7.54 -27.67
CA SER A 157 -6.79 -7.45 -26.87
C SER A 157 -7.00 -6.07 -26.26
N ILE A 158 -5.91 -5.40 -25.92
CA ILE A 158 -6.00 -4.07 -25.32
C ILE A 158 -6.68 -3.09 -26.25
N ASP A 159 -6.33 -3.13 -27.53
CA ASP A 159 -6.92 -2.25 -28.52
C ASP A 159 -8.34 -2.66 -28.88
N LYS A 160 -8.52 -3.94 -29.18
CA LYS A 160 -9.82 -4.48 -29.56
C LYS A 160 -10.86 -4.30 -28.45
N ALA A 161 -10.41 -4.41 -27.21
CA ALA A 161 -11.29 -4.27 -26.05
C ALA A 161 -11.99 -2.92 -25.98
N LYS A 162 -11.56 -1.98 -26.80
CA LYS A 162 -12.16 -0.65 -26.79
C LYS A 162 -12.37 -0.05 -28.19
N THR A 163 -12.09 -0.83 -29.22
CA THR A 163 -12.26 -0.36 -30.59
C THR A 163 -13.38 -1.14 -31.25
N LEU A 164 -13.54 -2.40 -30.84
CA LEU A 164 -14.59 -3.25 -31.40
C LEU A 164 -15.97 -2.74 -31.02
N PRO A 165 -16.91 -2.76 -31.96
CA PRO A 165 -18.26 -2.29 -31.67
C PRO A 165 -18.90 -3.28 -30.71
N GLU A 166 -19.88 -2.84 -29.95
CA GLU A 166 -20.53 -3.73 -29.00
C GLU A 166 -21.29 -4.86 -29.70
N SER A 167 -21.47 -4.72 -31.02
CA SER A 167 -22.19 -5.73 -31.79
C SER A 167 -21.35 -6.98 -32.05
N ASP A 168 -20.03 -6.84 -31.96
CA ASP A 168 -19.15 -7.99 -32.18
C ASP A 168 -19.40 -8.96 -31.03
N PRO A 169 -19.85 -10.18 -31.34
CA PRO A 169 -20.13 -11.20 -30.32
C PRO A 169 -18.95 -11.58 -29.44
N GLN A 170 -17.75 -11.19 -29.84
CA GLN A 170 -16.54 -11.49 -29.08
C GLN A 170 -16.15 -10.30 -28.21
N LYS A 171 -16.95 -9.24 -28.25
CA LYS A 171 -16.67 -8.03 -27.48
C LYS A 171 -16.31 -8.31 -26.02
N SER A 172 -17.21 -8.95 -25.29
CA SER A 172 -16.98 -9.25 -23.88
C SER A 172 -15.76 -10.14 -23.68
N LEU A 173 -15.48 -11.01 -24.64
CA LEU A 173 -14.33 -11.89 -24.54
C LEU A 173 -13.04 -11.09 -24.65
N TRP A 174 -13.02 -10.11 -25.56
CA TRP A 174 -11.84 -9.28 -25.74
C TRP A 174 -11.63 -8.37 -24.54
N VAL A 175 -12.72 -7.91 -23.95
CA VAL A 175 -12.63 -7.06 -22.77
C VAL A 175 -12.06 -7.88 -21.63
N TYR A 176 -12.52 -9.12 -21.50
CA TYR A 176 -12.02 -10.01 -20.46
C TYR A 176 -10.53 -10.27 -20.71
N ALA A 177 -10.18 -10.54 -21.96
CA ALA A 177 -8.78 -10.79 -22.30
C ALA A 177 -7.91 -9.59 -21.96
N ALA A 178 -8.39 -8.38 -22.26
CA ALA A 178 -7.63 -7.19 -21.96
C ALA A 178 -7.45 -7.07 -20.45
N SER A 179 -8.49 -7.42 -19.69
CA SER A 179 -8.41 -7.33 -18.24
C SER A 179 -7.34 -8.26 -17.68
N LYS A 180 -7.30 -9.49 -18.18
CA LYS A 180 -6.31 -10.45 -17.72
C LYS A 180 -4.91 -10.01 -18.15
N THR A 181 -4.79 -9.60 -19.40
CA THR A 181 -3.52 -9.17 -19.96
C THR A 181 -2.94 -7.98 -19.19
N GLU A 182 -3.75 -6.93 -19.05
CA GLU A 182 -3.28 -5.74 -18.35
C GLU A 182 -3.01 -6.00 -16.87
N ALA A 183 -3.81 -6.86 -16.25
CA ALA A 183 -3.61 -7.18 -14.85
C ALA A 183 -2.28 -7.89 -14.66
N GLU A 184 -1.98 -8.87 -15.51
CA GLU A 184 -0.71 -9.58 -15.37
C GLU A 184 0.48 -8.68 -15.67
N LEU A 185 0.36 -7.85 -16.70
CA LEU A 185 1.45 -6.93 -17.03
C LEU A 185 1.73 -6.03 -15.84
N ALA A 186 0.65 -5.54 -15.21
CA ALA A 186 0.80 -4.66 -14.05
C ALA A 186 1.51 -5.38 -12.91
N ALA A 187 1.25 -6.67 -12.75
CA ALA A 187 1.89 -7.44 -11.69
C ALA A 187 3.40 -7.52 -11.90
N TRP A 188 3.83 -7.88 -13.11
CA TRP A 188 5.26 -7.98 -13.37
C TRP A 188 5.93 -6.62 -13.28
N LYS A 189 5.21 -5.58 -13.70
CA LYS A 189 5.75 -4.23 -13.66
C LYS A 189 5.97 -3.86 -12.19
N PHE A 190 5.02 -4.21 -11.34
CA PHE A 190 5.12 -3.92 -9.93
C PHE A 190 6.37 -4.60 -9.35
N MET A 191 6.60 -5.85 -9.75
CA MET A 191 7.75 -6.59 -9.25
C MET A 191 9.06 -5.93 -9.66
N ASP A 192 9.15 -5.52 -10.92
CA ASP A 192 10.37 -4.92 -11.42
C ASP A 192 10.64 -3.52 -10.85
N GLU A 193 9.58 -2.76 -10.60
CA GLU A 193 9.73 -1.41 -10.06
C GLU A 193 9.95 -1.38 -8.55
N ASN A 194 9.19 -2.18 -7.82
CA ASN A 194 9.30 -2.20 -6.36
C ASN A 194 10.27 -3.22 -5.77
N LYS A 195 10.54 -4.29 -6.53
CA LYS A 195 11.45 -5.33 -6.08
C LYS A 195 11.16 -5.78 -4.65
N PRO A 196 9.93 -6.27 -4.40
CA PRO A 196 9.55 -6.74 -3.07
C PRO A 196 10.29 -8.01 -2.67
N HIS A 197 10.23 -8.33 -1.38
CA HIS A 197 10.90 -9.50 -0.84
C HIS A 197 10.10 -10.81 -0.93
N PHE A 198 9.50 -11.03 -2.09
CA PHE A 198 8.78 -12.27 -2.32
C PHE A 198 8.90 -12.58 -3.81
N THR A 199 8.78 -13.87 -4.15
CA THR A 199 8.89 -14.31 -5.54
C THR A 199 7.51 -14.43 -6.16
N LEU A 200 7.39 -13.95 -7.40
CA LEU A 200 6.11 -14.02 -8.11
C LEU A 200 6.18 -15.02 -9.25
N ASN A 201 5.07 -15.75 -9.41
CA ASN A 201 4.88 -16.71 -10.48
C ASN A 201 3.43 -16.55 -10.89
N ALA A 202 3.12 -16.85 -12.14
CA ALA A 202 1.74 -16.75 -12.60
C ALA A 202 1.35 -18.06 -13.25
N VAL A 203 0.11 -18.48 -13.03
CA VAL A 203 -0.41 -19.68 -13.64
C VAL A 203 -1.43 -19.20 -14.67
N LEU A 204 -1.29 -19.69 -15.90
CA LEU A 204 -2.18 -19.30 -17.00
C LEU A 204 -2.99 -20.47 -17.51
N PRO A 205 -4.13 -20.76 -16.87
CA PRO A 205 -4.96 -21.89 -17.31
C PRO A 205 -5.74 -21.57 -18.59
N ASN A 206 -6.09 -22.61 -19.33
CA ASN A 206 -6.96 -22.43 -20.47
C ASN A 206 -8.28 -22.97 -19.92
N TYR A 207 -9.03 -23.80 -20.66
CA TYR A 207 -10.32 -24.28 -20.19
C TYR A 207 -10.20 -25.33 -19.07
N THR A 208 -10.47 -24.92 -17.83
CA THR A 208 -10.34 -25.81 -16.68
C THR A 208 -11.55 -26.71 -16.44
N ILE A 209 -11.32 -28.02 -16.51
CA ILE A 209 -12.36 -29.03 -16.32
C ILE A 209 -12.15 -29.86 -15.06
N GLY A 210 -13.15 -29.90 -14.19
CA GLY A 210 -13.00 -30.69 -12.99
C GLY A 210 -14.25 -30.68 -12.14
N THR A 211 -14.16 -31.37 -11.01
CA THR A 211 -15.27 -31.46 -10.08
C THR A 211 -15.70 -30.12 -9.50
N ILE A 212 -17.01 -29.89 -9.48
CA ILE A 212 -17.53 -28.68 -8.86
C ILE A 212 -17.88 -29.14 -7.45
N PHE A 213 -17.00 -28.84 -6.50
CA PHE A 213 -17.15 -29.23 -5.10
C PHE A 213 -18.46 -28.82 -4.46
N ASP A 214 -18.88 -27.59 -4.73
CA ASP A 214 -20.10 -27.05 -4.15
C ASP A 214 -21.07 -26.58 -5.24
N PRO A 215 -21.79 -27.51 -5.86
CA PRO A 215 -22.74 -27.13 -6.91
C PRO A 215 -23.79 -26.16 -6.36
N GLU A 216 -24.10 -26.34 -5.08
CA GLU A 216 -25.08 -25.52 -4.40
C GLU A 216 -24.81 -24.02 -4.52
N THR A 217 -23.60 -23.60 -4.15
CA THR A 217 -23.27 -22.18 -4.25
C THR A 217 -22.06 -21.84 -5.13
N GLN A 218 -21.70 -22.75 -6.02
CA GLN A 218 -20.61 -22.51 -6.96
C GLN A 218 -21.21 -22.68 -8.35
N SER A 219 -21.16 -21.63 -9.15
CA SER A 219 -21.71 -21.70 -10.51
C SER A 219 -20.86 -22.65 -11.35
N GLY A 220 -19.58 -22.76 -11.00
CA GLY A 220 -18.71 -23.66 -11.72
C GLY A 220 -17.83 -23.06 -12.81
N SER A 221 -18.08 -21.81 -13.21
CA SER A 221 -17.24 -21.21 -14.23
C SER A 221 -17.22 -22.16 -15.43
N THR A 222 -16.07 -22.23 -16.10
CA THR A 222 -15.88 -23.10 -17.25
C THR A 222 -16.52 -24.49 -17.09
N SER A 223 -16.34 -25.12 -15.95
CA SER A 223 -16.93 -26.44 -15.74
C SER A 223 -18.44 -26.37 -15.61
N GLY A 224 -18.94 -25.26 -15.10
CA GLY A 224 -20.38 -25.11 -14.97
C GLY A 224 -21.01 -25.04 -16.35
N TRP A 225 -20.35 -24.34 -17.28
CA TRP A 225 -20.87 -24.24 -18.65
C TRP A 225 -20.86 -25.62 -19.28
N MET A 226 -19.82 -26.41 -19.00
CA MET A 226 -19.73 -27.75 -19.56
C MET A 226 -20.82 -28.64 -18.98
N MET A 227 -21.11 -28.47 -17.69
CA MET A 227 -22.13 -29.26 -17.03
C MET A 227 -23.49 -28.94 -17.65
N SER A 228 -23.72 -27.68 -18.01
CA SER A 228 -25.00 -27.32 -18.62
C SER A 228 -25.19 -28.06 -19.95
N LEU A 229 -24.10 -28.26 -20.69
CA LEU A 229 -24.17 -28.99 -21.95
C LEU A 229 -24.45 -30.47 -21.64
N PHE A 230 -23.84 -30.96 -20.57
CA PHE A 230 -24.05 -32.34 -20.16
C PHE A 230 -25.53 -32.55 -19.91
N ASN A 231 -26.16 -31.56 -19.30
CA ASN A 231 -27.59 -31.64 -19.01
C ASN A 231 -28.47 -31.29 -20.20
N GLY A 232 -27.86 -31.19 -21.37
CA GLY A 232 -28.61 -30.92 -22.58
C GLY A 232 -28.86 -29.48 -23.01
N GLU A 233 -28.34 -28.52 -22.27
CA GLU A 233 -28.53 -27.11 -22.63
C GLU A 233 -27.48 -26.64 -23.62
N VAL A 234 -27.92 -26.06 -24.73
CA VAL A 234 -27.00 -25.55 -25.74
C VAL A 234 -27.18 -24.03 -25.82
N SER A 235 -26.37 -23.30 -25.05
CA SER A 235 -26.46 -21.85 -25.04
C SER A 235 -25.54 -21.20 -26.07
N PRO A 236 -26.01 -20.10 -26.70
CA PRO A 236 -25.22 -19.40 -27.72
C PRO A 236 -23.84 -19.00 -27.18
N ALA A 237 -23.77 -18.70 -25.88
CA ALA A 237 -22.52 -18.30 -25.25
C ALA A 237 -21.51 -19.43 -25.43
N LEU A 238 -22.01 -20.65 -25.49
CA LEU A 238 -21.15 -21.83 -25.67
C LEU A 238 -20.51 -21.75 -27.04
N ALA A 239 -21.23 -21.16 -27.99
CA ALA A 239 -20.76 -21.01 -29.36
C ALA A 239 -19.70 -19.92 -29.49
N LEU A 240 -19.57 -19.10 -28.45
CA LEU A 240 -18.58 -18.03 -28.44
C LEU A 240 -17.23 -18.55 -27.98
N MET A 241 -17.17 -19.84 -27.68
CA MET A 241 -15.95 -20.49 -27.23
C MET A 241 -15.41 -21.41 -28.32
N PRO A 242 -14.31 -21.03 -28.97
CA PRO A 242 -13.70 -21.81 -30.04
C PRO A 242 -12.85 -22.99 -29.54
N PRO A 243 -12.41 -23.86 -30.47
CA PRO A 243 -11.58 -24.99 -30.06
C PRO A 243 -10.34 -24.38 -29.40
N GLN A 244 -9.87 -25.01 -28.33
CA GLN A 244 -8.71 -24.50 -27.62
C GLN A 244 -8.18 -25.61 -26.73
N TYR A 245 -7.45 -25.25 -25.67
CA TYR A 245 -6.90 -26.25 -24.77
C TYR A 245 -7.69 -26.42 -23.49
N TYR A 246 -7.73 -27.65 -23.01
CA TYR A 246 -8.38 -27.95 -21.74
C TYR A 246 -7.25 -28.20 -20.75
N VAL A 247 -7.58 -28.25 -19.47
CA VAL A 247 -6.63 -28.56 -18.43
C VAL A 247 -7.46 -29.01 -17.23
N SER A 248 -6.99 -30.06 -16.56
CA SER A 248 -7.68 -30.58 -15.39
C SER A 248 -7.64 -29.59 -14.24
N ALA A 249 -8.74 -29.48 -13.50
CA ALA A 249 -8.79 -28.59 -12.34
C ALA A 249 -7.77 -29.09 -11.32
N VAL A 250 -7.57 -30.41 -11.27
CA VAL A 250 -6.62 -30.98 -10.34
C VAL A 250 -5.23 -30.48 -10.69
N ASP A 251 -4.88 -30.53 -11.97
CA ASP A 251 -3.58 -30.07 -12.41
C ASP A 251 -3.40 -28.57 -12.17
N ILE A 252 -4.46 -27.78 -12.33
CA ILE A 252 -4.32 -26.34 -12.10
C ILE A 252 -4.02 -26.12 -10.62
N GLY A 253 -4.63 -26.93 -9.75
CA GLY A 253 -4.36 -26.81 -8.33
C GLY A 253 -2.90 -27.13 -8.07
N LEU A 254 -2.41 -28.18 -8.72
CA LEU A 254 -1.02 -28.59 -8.57
C LEU A 254 -0.06 -27.53 -9.10
N LEU A 255 -0.42 -26.86 -10.19
CA LEU A 255 0.46 -25.83 -10.74
C LEU A 255 0.60 -24.65 -9.78
N HIS A 256 -0.51 -24.29 -9.13
CA HIS A 256 -0.47 -23.20 -8.16
C HIS A 256 0.38 -23.61 -6.97
N LEU A 257 0.22 -24.85 -6.52
CA LEU A 257 1.00 -25.34 -5.39
C LEU A 257 2.49 -25.29 -5.74
N GLY A 258 2.83 -25.76 -6.94
CA GLY A 258 4.22 -25.74 -7.36
C GLY A 258 4.79 -24.34 -7.39
N CYS A 259 4.00 -23.39 -7.89
CA CYS A 259 4.44 -22.00 -7.94
C CYS A 259 4.65 -21.43 -6.55
N LEU A 260 3.91 -21.92 -5.57
CA LEU A 260 4.04 -21.42 -4.20
C LEU A 260 5.17 -22.05 -3.39
N VAL A 261 5.56 -23.29 -3.69
CA VAL A 261 6.58 -23.95 -2.87
C VAL A 261 7.83 -24.54 -3.54
N LEU A 262 7.83 -24.72 -4.86
CA LEU A 262 9.01 -25.29 -5.49
C LEU A 262 10.10 -24.25 -5.71
N PRO A 263 11.31 -24.53 -5.20
CA PRO A 263 12.44 -23.60 -5.34
C PRO A 263 12.89 -23.31 -6.77
N GLN A 264 12.75 -24.28 -7.66
CA GLN A 264 13.18 -24.10 -9.04
C GLN A 264 12.22 -23.32 -9.94
N ILE A 265 11.14 -22.82 -9.37
CA ILE A 265 10.14 -22.07 -10.13
C ILE A 265 10.09 -20.62 -9.66
N GLU A 266 10.67 -19.71 -10.44
CA GLU A 266 10.71 -18.28 -10.12
C GLU A 266 10.49 -17.40 -11.35
N ARG A 267 9.63 -16.39 -11.22
CA ARG A 267 9.33 -15.47 -12.31
C ARG A 267 8.91 -16.21 -13.58
N ARG A 268 8.01 -17.18 -13.41
CA ARG A 268 7.53 -17.97 -14.54
C ARG A 268 6.06 -17.72 -14.85
N ARG A 269 5.69 -17.95 -16.10
CA ARG A 269 4.31 -17.85 -16.53
C ARG A 269 4.06 -19.30 -16.92
N VAL A 270 3.31 -19.99 -16.06
CA VAL A 270 3.03 -21.42 -16.22
C VAL A 270 1.70 -21.70 -16.90
N TYR A 271 1.79 -22.17 -18.15
CA TYR A 271 0.61 -22.49 -18.94
C TYR A 271 -0.10 -23.75 -18.51
N GLY A 272 -1.42 -23.64 -18.29
CA GLY A 272 -2.24 -24.77 -17.92
C GLY A 272 -2.94 -25.19 -19.19
N THR A 273 -2.19 -25.88 -20.04
CA THR A 273 -2.67 -26.32 -21.34
C THR A 273 -2.28 -27.77 -21.58
N ALA A 274 -3.20 -28.69 -21.27
CA ALA A 274 -2.95 -30.11 -21.41
C ALA A 274 -3.04 -30.65 -22.83
N GLY A 275 -4.15 -30.37 -23.50
CA GLY A 275 -4.35 -30.84 -24.86
C GLY A 275 -5.47 -30.06 -25.48
N THR A 276 -5.67 -30.21 -26.79
CA THR A 276 -6.73 -29.49 -27.47
C THR A 276 -8.06 -30.22 -27.44
N PHE A 277 -9.14 -29.48 -27.68
CA PHE A 277 -10.47 -30.07 -27.70
C PHE A 277 -11.43 -29.10 -28.33
N ASP A 278 -12.63 -29.58 -28.59
CA ASP A 278 -13.70 -28.77 -29.13
C ASP A 278 -14.97 -29.35 -28.53
N TRP A 279 -16.11 -28.71 -28.77
CA TRP A 279 -17.35 -29.20 -28.19
C TRP A 279 -17.73 -30.60 -28.63
N ASN A 280 -17.25 -31.03 -29.78
CA ASN A 280 -17.59 -32.37 -30.24
C ASN A 280 -16.77 -33.43 -29.53
N THR A 281 -15.55 -33.11 -29.12
CA THR A 281 -14.77 -34.10 -28.40
C THR A 281 -15.38 -34.19 -26.99
N VAL A 282 -15.95 -33.08 -26.51
CA VAL A 282 -16.60 -33.07 -25.20
C VAL A 282 -17.84 -33.94 -25.28
N LEU A 283 -18.67 -33.74 -26.31
CA LEU A 283 -19.86 -34.55 -26.47
C LEU A 283 -19.50 -36.04 -26.61
N ALA A 284 -18.44 -36.32 -27.36
CA ALA A 284 -18.01 -37.70 -27.55
C ALA A 284 -17.66 -38.32 -26.19
N THR A 285 -16.96 -37.56 -25.36
CA THR A 285 -16.60 -38.06 -24.04
C THR A 285 -17.84 -38.30 -23.19
N PHE A 286 -18.79 -37.38 -23.26
CA PHE A 286 -20.04 -37.52 -22.50
C PHE A 286 -20.70 -38.84 -22.85
N ARG A 287 -20.80 -39.11 -24.15
CA ARG A 287 -21.44 -40.32 -24.64
C ARG A 287 -20.71 -41.59 -24.20
N LYS A 288 -19.40 -41.48 -24.08
CA LYS A 288 -18.59 -42.63 -23.66
C LYS A 288 -18.78 -42.92 -22.18
N LEU A 289 -18.84 -41.85 -21.38
CA LEU A 289 -19.02 -41.99 -19.94
C LEU A 289 -20.45 -42.41 -19.58
N TYR A 290 -21.42 -41.96 -20.37
CA TYR A 290 -22.83 -42.27 -20.15
C TYR A 290 -23.45 -42.77 -21.44
N PRO A 291 -23.12 -44.01 -21.84
CA PRO A 291 -23.65 -44.61 -23.07
C PRO A 291 -25.18 -44.70 -23.17
N SER A 292 -25.86 -44.70 -22.03
CA SER A 292 -27.32 -44.82 -22.00
C SER A 292 -28.04 -43.48 -22.04
N LYS A 293 -27.32 -42.40 -21.79
CA LYS A 293 -27.91 -41.08 -21.75
C LYS A 293 -28.01 -40.38 -23.10
N THR A 294 -29.03 -39.54 -23.25
CA THR A 294 -29.24 -38.79 -24.49
C THR A 294 -28.52 -37.45 -24.36
N PHE A 295 -27.79 -37.08 -25.42
CA PHE A 295 -27.04 -35.83 -25.47
C PHE A 295 -27.29 -35.11 -26.78
N PRO A 296 -27.01 -33.81 -26.81
CA PRO A 296 -27.22 -33.07 -28.07
C PRO A 296 -26.36 -33.71 -29.14
N ALA A 297 -26.74 -33.52 -30.40
CA ALA A 297 -25.96 -34.04 -31.52
C ALA A 297 -24.72 -33.16 -31.65
N ASP A 298 -23.79 -33.56 -32.50
CA ASP A 298 -22.57 -32.79 -32.68
C ASP A 298 -22.82 -31.38 -33.22
N PHE A 299 -21.92 -30.47 -32.84
CA PHE A 299 -21.95 -29.08 -33.30
C PHE A 299 -21.35 -29.11 -34.70
N PRO A 300 -21.54 -28.03 -35.49
CA PRO A 300 -20.95 -28.04 -36.81
C PRO A 300 -19.43 -28.00 -36.59
N ASP A 301 -18.65 -28.42 -37.56
CA ASP A 301 -17.19 -28.40 -37.41
C ASP A 301 -16.75 -26.96 -37.13
N GLN A 302 -15.97 -26.79 -36.06
CA GLN A 302 -15.50 -25.45 -35.69
C GLN A 302 -14.00 -25.31 -35.89
N GLY A 303 -13.41 -26.28 -36.59
CA GLY A 303 -11.98 -26.27 -36.83
C GLY A 303 -11.24 -26.87 -35.66
N GLN A 304 -9.93 -26.67 -35.59
CA GLN A 304 -9.16 -27.20 -34.48
C GLN A 304 -8.07 -26.23 -34.07
N ASP A 305 -7.60 -26.39 -32.85
CA ASP A 305 -6.55 -25.52 -32.34
C ASP A 305 -5.20 -26.08 -32.78
N LEU A 306 -4.48 -25.31 -33.58
CA LEU A 306 -3.18 -25.74 -34.10
C LEU A 306 -2.03 -25.04 -33.38
N SER A 307 -2.35 -24.31 -32.31
CA SER A 307 -1.32 -23.59 -31.56
C SER A 307 -0.58 -24.52 -30.61
N LYS A 308 0.61 -24.10 -30.20
CA LYS A 308 1.41 -24.89 -29.26
C LYS A 308 1.88 -23.94 -28.16
N PHE A 309 1.97 -24.47 -26.93
CA PHE A 309 2.38 -23.71 -25.76
C PHE A 309 3.67 -24.25 -25.18
N ASP A 310 4.48 -23.36 -24.63
CA ASP A 310 5.71 -23.78 -23.97
C ASP A 310 5.25 -24.19 -22.57
N THR A 311 5.09 -25.48 -22.35
CA THR A 311 4.65 -25.99 -21.06
C THR A 311 5.79 -26.54 -20.20
N ALA A 312 7.03 -26.13 -20.49
CA ALA A 312 8.17 -26.64 -19.73
C ALA A 312 8.04 -26.49 -18.21
N PRO A 313 7.80 -25.28 -17.69
CA PRO A 313 7.68 -25.17 -16.24
C PRO A 313 6.50 -25.95 -15.68
N SER A 314 5.42 -26.05 -16.46
CA SER A 314 4.24 -26.79 -16.03
C SER A 314 4.61 -28.26 -15.84
N LEU A 315 5.28 -28.82 -16.85
CA LEU A 315 5.69 -30.22 -16.81
C LEU A 315 6.71 -30.46 -15.70
N GLU A 316 7.57 -29.48 -15.46
CA GLU A 316 8.58 -29.59 -14.41
C GLU A 316 7.87 -29.66 -13.05
N ILE A 317 6.88 -28.78 -12.88
CA ILE A 317 6.13 -28.74 -11.63
C ILE A 317 5.38 -30.04 -11.38
N LEU A 318 4.67 -30.52 -12.40
CA LEU A 318 3.91 -31.75 -12.25
C LEU A 318 4.80 -32.92 -11.87
N LYS A 319 5.95 -33.03 -12.52
CA LYS A 319 6.86 -34.13 -12.22
C LYS A 319 7.43 -34.00 -10.82
N SER A 320 7.83 -32.78 -10.44
CA SER A 320 8.39 -32.56 -9.12
C SER A 320 7.41 -32.94 -8.01
N LEU A 321 6.11 -32.71 -8.25
CA LEU A 321 5.09 -33.02 -7.25
C LEU A 321 4.63 -34.47 -7.26
N GLY A 322 5.26 -35.29 -8.10
CA GLY A 322 4.90 -36.70 -8.16
C GLY A 322 3.66 -37.04 -8.95
N ARG A 323 3.20 -36.08 -9.76
CA ARG A 323 2.02 -36.29 -10.59
C ARG A 323 2.40 -35.89 -12.01
N PRO A 324 3.42 -36.55 -12.58
CA PRO A 324 3.89 -36.24 -13.94
C PRO A 324 2.83 -36.38 -15.03
N GLY A 325 2.96 -35.54 -16.05
CA GLY A 325 2.03 -35.57 -17.17
C GLY A 325 0.69 -34.97 -16.82
N TRP A 326 -0.05 -34.59 -17.86
CA TRP A 326 -1.37 -33.99 -17.68
C TRP A 326 -2.47 -35.03 -17.54
N ARG A 327 -3.44 -34.76 -16.66
CA ARG A 327 -4.57 -35.66 -16.51
C ARG A 327 -5.33 -35.57 -17.84
N SER A 328 -5.77 -36.72 -18.35
CA SER A 328 -6.47 -36.78 -19.63
C SER A 328 -7.80 -36.06 -19.62
N ILE A 329 -8.29 -35.72 -20.81
CA ILE A 329 -9.55 -35.02 -20.90
C ILE A 329 -10.69 -35.95 -20.47
N GLU A 330 -10.55 -37.25 -20.71
CA GLU A 330 -11.59 -38.18 -20.30
C GLU A 330 -11.70 -38.21 -18.79
N GLU A 331 -10.56 -38.31 -18.11
CA GLU A 331 -10.59 -38.34 -16.66
C GLU A 331 -11.03 -36.99 -16.09
N SER A 332 -10.63 -35.90 -16.75
CA SER A 332 -11.00 -34.56 -16.31
C SER A 332 -12.51 -34.38 -16.39
N ILE A 333 -13.09 -34.78 -17.52
CA ILE A 333 -14.53 -34.66 -17.69
C ILE A 333 -15.25 -35.59 -16.74
N LYS A 334 -14.68 -36.77 -16.49
CA LYS A 334 -15.30 -37.70 -15.55
C LYS A 334 -15.30 -37.07 -14.15
N ASP A 335 -14.26 -36.29 -13.83
CA ASP A 335 -14.21 -35.64 -12.53
C ASP A 335 -15.40 -34.69 -12.41
N LEU A 336 -15.80 -34.11 -13.54
CA LEU A 336 -16.92 -33.17 -13.56
C LEU A 336 -18.30 -33.82 -13.56
N VAL A 337 -18.54 -34.70 -14.53
CA VAL A 337 -19.86 -35.33 -14.67
C VAL A 337 -20.01 -36.75 -14.16
N GLY A 338 -18.91 -37.36 -13.71
CA GLY A 338 -18.95 -38.72 -13.23
C GLY A 338 -19.05 -39.69 -14.39
N SER A 339 -19.61 -40.86 -14.15
CA SER A 339 -19.79 -41.86 -15.20
C SER A 339 -20.96 -42.76 -14.86
N GLU A 340 -21.46 -43.46 -15.87
CA GLU A 340 -22.57 -44.36 -15.69
C GLU A 340 -22.00 -45.62 -15.03
N THR A 341 -22.18 -45.73 -13.73
CA THR A 341 -21.66 -46.87 -12.99
C THR A 341 -22.43 -47.08 -11.68
N ALA A 342 -22.28 -48.26 -11.11
CA ALA A 342 -22.95 -48.61 -9.86
C ALA A 342 -22.38 -49.90 -9.30
N ALA B 1 29.02 17.27 7.19
CA ALA B 1 30.02 16.19 6.93
C ALA B 1 29.32 14.86 6.67
N LYS B 2 30.07 13.91 6.10
CA LYS B 2 29.52 12.59 5.79
C LYS B 2 29.12 11.88 7.08
N ILE B 3 27.83 11.61 7.23
CA ILE B 3 27.31 10.94 8.42
C ILE B 3 27.79 9.50 8.53
N ASP B 4 28.49 9.20 9.61
CA ASP B 4 29.01 7.86 9.85
C ASP B 4 27.92 6.83 10.14
N ASN B 5 28.01 5.69 9.47
CA ASN B 5 27.06 4.60 9.62
C ASN B 5 25.62 4.99 9.30
N ALA B 6 25.45 5.97 8.42
CA ALA B 6 24.12 6.42 8.02
C ALA B 6 23.31 5.23 7.49
N VAL B 7 22.05 5.15 7.91
CA VAL B 7 21.18 4.06 7.50
C VAL B 7 20.72 4.21 6.05
N LEU B 8 20.74 5.44 5.55
CA LEU B 8 20.34 5.69 4.18
C LEU B 8 21.60 5.97 3.36
N PRO B 9 21.80 5.22 2.27
CA PRO B 9 22.98 5.38 1.40
C PRO B 9 23.20 6.84 0.98
N GLU B 10 24.46 7.19 0.75
CA GLU B 10 24.81 8.55 0.32
C GLU B 10 24.01 8.98 -0.90
N GLY B 11 23.65 10.25 -0.92
CA GLY B 11 22.89 10.77 -2.05
C GLY B 11 21.61 10.02 -2.26
N SER B 12 21.17 9.28 -1.24
CA SER B 12 19.93 8.54 -1.35
C SER B 12 18.81 9.56 -1.53
N LEU B 13 17.66 9.09 -2.00
CA LEU B 13 16.53 9.97 -2.23
C LEU B 13 15.54 9.95 -1.06
N VAL B 14 15.13 11.13 -0.62
CA VAL B 14 14.18 11.23 0.49
C VAL B 14 12.95 12.01 0.04
N LEU B 15 11.79 11.42 0.28
CA LEU B 15 10.52 12.05 -0.06
C LEU B 15 10.08 12.90 1.12
N VAL B 16 9.82 14.18 0.87
CA VAL B 16 9.38 15.09 1.91
C VAL B 16 8.03 15.67 1.50
N THR B 17 6.98 15.25 2.17
CA THR B 17 5.62 15.73 1.87
C THR B 17 5.40 17.10 2.51
N GLY B 18 4.59 17.92 1.86
CA GLY B 18 4.30 19.26 2.36
C GLY B 18 5.57 20.10 2.46
N ALA B 19 6.49 19.87 1.52
CA ALA B 19 7.78 20.55 1.49
C ALA B 19 7.72 22.08 1.41
N ASN B 20 6.56 22.62 1.08
CA ASN B 20 6.41 24.08 0.97
C ASN B 20 6.14 24.72 2.33
N GLY B 21 5.86 23.89 3.33
CA GLY B 21 5.59 24.41 4.67
C GLY B 21 6.85 24.92 5.34
N PHE B 22 6.68 25.73 6.38
CA PHE B 22 7.81 26.30 7.10
C PHE B 22 8.77 25.24 7.65
N VAL B 23 8.28 24.41 8.57
CA VAL B 23 9.10 23.36 9.16
C VAL B 23 9.64 22.43 8.08
N ALA B 24 8.77 22.03 7.17
CA ALA B 24 9.16 21.12 6.09
C ALA B 24 10.32 21.66 5.27
N SER B 25 10.28 22.94 4.92
CA SER B 25 11.36 23.52 4.11
C SER B 25 12.72 23.48 4.81
N HIS B 26 12.71 23.48 6.15
CA HIS B 26 13.96 23.42 6.88
C HIS B 26 14.46 21.98 6.91
N VAL B 27 13.53 21.04 6.91
CA VAL B 27 13.88 19.62 6.88
C VAL B 27 14.53 19.36 5.53
N VAL B 28 13.94 19.93 4.48
CA VAL B 28 14.49 19.78 3.13
C VAL B 28 15.89 20.37 3.04
N GLU B 29 16.04 21.61 3.48
CA GLU B 29 17.33 22.28 3.43
C GLU B 29 18.44 21.48 4.12
N GLN B 30 18.14 20.91 5.29
CA GLN B 30 19.14 20.14 6.02
C GLN B 30 19.52 18.88 5.27
N LEU B 31 18.56 18.25 4.61
CA LEU B 31 18.83 17.04 3.85
C LEU B 31 19.74 17.38 2.67
N LEU B 32 19.47 18.51 2.02
CA LEU B 32 20.27 18.94 0.87
C LEU B 32 21.71 19.27 1.31
N GLU B 33 21.84 19.96 2.43
CA GLU B 33 23.14 20.33 2.96
C GLU B 33 24.00 19.10 3.22
N HIS B 34 23.36 17.97 3.45
CA HIS B 34 24.06 16.72 3.74
C HIS B 34 24.22 15.76 2.58
N GLY B 35 24.16 16.29 1.36
CA GLY B 35 24.34 15.46 0.18
C GLY B 35 23.17 14.59 -0.25
N TYR B 36 22.08 14.62 0.50
CA TYR B 36 20.93 13.81 0.15
C TYR B 36 20.09 14.50 -0.92
N LYS B 37 19.49 13.71 -1.79
CA LYS B 37 18.64 14.25 -2.84
C LYS B 37 17.22 14.24 -2.30
N VAL B 38 16.45 15.29 -2.59
CA VAL B 38 15.10 15.40 -2.09
C VAL B 38 14.02 15.63 -3.14
N ARG B 39 12.88 14.98 -2.92
CA ARG B 39 11.73 15.12 -3.78
C ARG B 39 10.61 15.67 -2.89
N GLY B 40 10.43 16.99 -2.93
CA GLY B 40 9.41 17.62 -2.10
C GLY B 40 8.05 17.70 -2.77
N THR B 41 7.01 17.36 -2.02
CA THR B 41 5.65 17.38 -2.55
C THR B 41 4.85 18.59 -2.08
N ALA B 42 3.87 18.97 -2.88
CA ALA B 42 2.98 20.09 -2.58
C ALA B 42 1.73 19.88 -3.42
N ARG B 43 0.65 20.56 -3.06
CA ARG B 43 -0.59 20.41 -3.80
C ARG B 43 -0.44 20.82 -5.26
N SER B 44 0.55 21.66 -5.54
CA SER B 44 0.81 22.11 -6.91
C SER B 44 2.28 22.51 -7.05
N ALA B 45 2.74 22.59 -8.29
CA ALA B 45 4.14 22.96 -8.55
C ALA B 45 4.43 24.40 -8.16
N SER B 46 3.43 25.27 -8.33
CA SER B 46 3.59 26.69 -8.02
C SER B 46 3.89 26.92 -6.54
N LYS B 47 3.23 26.15 -5.68
CA LYS B 47 3.44 26.31 -4.24
C LYS B 47 4.89 26.09 -3.85
N LEU B 48 5.65 25.42 -4.71
CA LEU B 48 7.06 25.16 -4.44
C LEU B 48 7.99 25.96 -5.34
N ALA B 49 7.42 26.77 -6.21
CA ALA B 49 8.20 27.58 -7.16
C ALA B 49 9.29 28.42 -6.52
N ASN B 50 8.93 29.16 -5.47
CA ASN B 50 9.91 30.01 -4.79
C ASN B 50 11.02 29.20 -4.14
N LEU B 51 10.64 28.18 -3.38
CA LEU B 51 11.63 27.35 -2.70
C LEU B 51 12.50 26.61 -3.73
N GLN B 52 11.87 26.15 -4.80
CA GLN B 52 12.58 25.44 -5.86
C GLN B 52 13.69 26.35 -6.40
N LYS B 53 13.36 27.63 -6.51
CA LYS B 53 14.31 28.63 -7.00
C LYS B 53 15.49 28.74 -6.05
N ARG B 54 15.19 28.81 -4.75
CA ARG B 54 16.23 28.90 -3.73
C ARG B 54 17.16 27.70 -3.77
N TRP B 55 16.59 26.50 -3.78
CA TRP B 55 17.37 25.28 -3.79
C TRP B 55 18.15 24.99 -5.07
N ASP B 56 17.68 25.46 -6.20
CA ASP B 56 18.40 25.23 -7.46
C ASP B 56 19.70 26.02 -7.47
N ALA B 57 19.68 27.21 -6.87
CA ALA B 57 20.86 28.06 -6.84
C ALA B 57 21.82 27.67 -5.72
N LYS B 58 21.26 27.22 -4.60
CA LYS B 58 22.05 26.83 -3.44
C LYS B 58 22.54 25.39 -3.52
N TYR B 59 21.67 24.51 -4.01
CA TYR B 59 22.00 23.09 -4.14
C TYR B 59 21.56 22.61 -5.51
N PRO B 60 22.20 23.15 -6.57
CA PRO B 60 21.85 22.75 -7.94
C PRO B 60 21.81 21.25 -8.18
N GLY B 61 20.70 20.80 -8.80
CA GLY B 61 20.54 19.40 -9.12
C GLY B 61 20.26 18.46 -7.96
N ARG B 62 19.95 19.01 -6.78
CA ARG B 62 19.69 18.18 -5.62
C ARG B 62 18.22 18.09 -5.20
N PHE B 63 17.43 19.10 -5.55
CA PHE B 63 16.01 19.10 -5.18
C PHE B 63 15.10 18.97 -6.38
N GLU B 64 13.99 18.25 -6.20
CA GLU B 64 13.01 18.05 -7.27
C GLU B 64 11.60 18.29 -6.74
N THR B 65 10.80 19.02 -7.50
CA THR B 65 9.42 19.32 -7.11
C THR B 65 8.48 18.24 -7.64
N ALA B 66 7.55 17.80 -6.79
CA ALA B 66 6.57 16.79 -7.15
C ALA B 66 5.19 17.26 -6.70
N VAL B 67 4.13 16.74 -7.30
CA VAL B 67 2.77 17.15 -6.97
C VAL B 67 1.83 16.07 -6.42
N VAL B 68 1.04 16.44 -5.42
CA VAL B 68 0.05 15.57 -4.78
C VAL B 68 -1.13 16.44 -4.35
N GLU B 69 -2.22 16.42 -5.11
CA GLU B 69 -3.39 17.25 -4.79
C GLU B 69 -4.17 16.80 -3.57
N ASP B 70 -4.49 15.52 -3.52
CA ASP B 70 -5.25 14.96 -2.40
C ASP B 70 -4.42 13.92 -1.66
N MET B 71 -3.94 14.29 -0.47
CA MET B 71 -3.13 13.38 0.32
C MET B 71 -3.94 12.29 1.00
N LEU B 72 -5.27 12.38 0.90
CA LEU B 72 -6.13 11.39 1.53
C LEU B 72 -6.54 10.24 0.59
N LYS B 73 -6.35 10.44 -0.70
CA LYS B 73 -6.74 9.40 -1.66
C LYS B 73 -5.73 8.26 -1.82
N GLN B 74 -6.26 7.05 -1.99
CA GLN B 74 -5.42 5.87 -2.17
C GLN B 74 -4.55 5.98 -3.41
N GLY B 75 -3.27 5.64 -3.27
CA GLY B 75 -2.35 5.70 -4.39
C GLY B 75 -1.75 7.08 -4.60
N ALA B 76 -2.13 8.03 -3.75
CA ALA B 76 -1.63 9.40 -3.84
C ALA B 76 -0.11 9.52 -3.94
N TYR B 77 0.62 8.61 -3.31
CA TYR B 77 2.08 8.67 -3.32
C TYR B 77 2.78 7.63 -4.21
N ASP B 78 2.02 6.82 -4.93
CA ASP B 78 2.61 5.79 -5.78
C ASP B 78 3.74 6.27 -6.70
N GLU B 79 3.55 7.43 -7.30
CA GLU B 79 4.57 7.95 -8.20
C GLU B 79 5.72 8.65 -7.50
N VAL B 80 5.41 9.60 -6.62
CA VAL B 80 6.43 10.35 -5.90
C VAL B 80 7.32 9.54 -4.97
N ILE B 81 6.84 8.39 -4.51
CA ILE B 81 7.64 7.58 -3.59
C ILE B 81 8.61 6.61 -4.28
N LYS B 82 8.60 6.57 -5.60
CA LYS B 82 9.50 5.68 -6.33
C LYS B 82 10.97 6.02 -6.16
N GLY B 83 11.75 5.04 -5.70
CA GLY B 83 13.18 5.24 -5.51
C GLY B 83 13.54 5.92 -4.21
N ALA B 84 12.54 6.15 -3.36
CA ALA B 84 12.78 6.80 -2.07
C ALA B 84 13.29 5.82 -1.02
N ALA B 85 14.34 6.21 -0.32
CA ALA B 85 14.92 5.37 0.73
C ALA B 85 14.41 5.83 2.09
N GLY B 86 13.91 7.05 2.13
CA GLY B 86 13.38 7.60 3.35
C GLY B 86 12.19 8.49 3.06
N VAL B 87 11.34 8.69 4.05
CA VAL B 87 10.16 9.53 3.90
C VAL B 87 9.97 10.38 5.14
N ALA B 88 9.72 11.67 4.92
CA ALA B 88 9.46 12.60 6.01
C ALA B 88 8.07 13.13 5.73
N HIS B 89 7.09 12.66 6.50
CA HIS B 89 5.71 13.09 6.31
C HIS B 89 5.41 14.32 7.14
N ILE B 90 5.38 15.47 6.48
CA ILE B 90 5.15 16.74 7.14
C ILE B 90 3.87 17.45 6.66
N ALA B 91 3.15 16.82 5.74
CA ALA B 91 1.91 17.40 5.25
C ALA B 91 0.82 17.13 6.28
N SER B 92 0.28 18.20 6.88
CA SER B 92 -0.76 18.05 7.88
C SER B 92 -1.58 19.33 8.07
N VAL B 93 -2.85 19.16 8.42
CA VAL B 93 -3.78 20.29 8.62
C VAL B 93 -3.38 21.24 9.75
N VAL B 94 -3.43 22.54 9.46
CA VAL B 94 -3.09 23.57 10.44
C VAL B 94 -4.03 24.76 10.25
N SER B 95 -5.29 24.47 9.91
CA SER B 95 -6.29 25.51 9.68
C SER B 95 -6.88 26.03 11.00
N PHE B 96 -6.69 25.27 12.06
CA PHE B 96 -7.21 25.66 13.38
C PHE B 96 -8.73 25.84 13.36
N SER B 97 -9.43 24.82 12.86
CA SER B 97 -10.90 24.85 12.79
C SER B 97 -11.46 24.17 14.04
N ASN B 98 -12.73 24.42 14.33
CA ASN B 98 -13.36 23.83 15.50
C ASN B 98 -14.31 22.67 15.18
N LYS B 99 -13.94 21.86 14.19
CA LYS B 99 -14.77 20.72 13.79
C LYS B 99 -13.99 19.43 14.05
N TYR B 100 -14.37 18.68 15.08
CA TYR B 100 -13.69 17.45 15.44
C TYR B 100 -13.47 16.48 14.28
N ASP B 101 -14.48 15.67 13.97
CA ASP B 101 -14.37 14.69 12.89
C ASP B 101 -13.87 15.26 11.57
N GLU B 102 -14.26 16.49 11.28
CA GLU B 102 -13.85 17.12 10.03
C GLU B 102 -12.38 17.57 10.10
N VAL B 103 -11.75 17.31 11.24
CA VAL B 103 -10.36 17.68 11.43
C VAL B 103 -9.53 16.47 11.89
N VAL B 104 -10.07 15.72 12.85
CA VAL B 104 -9.37 14.55 13.38
C VAL B 104 -9.32 13.40 12.37
N THR B 105 -10.45 13.11 11.73
CA THR B 105 -10.50 12.03 10.75
C THR B 105 -9.46 12.26 9.64
N PRO B 106 -9.43 13.47 9.06
CA PRO B 106 -8.47 13.78 8.00
C PRO B 106 -7.01 13.69 8.46
N ALA B 107 -6.78 14.10 9.71
CA ALA B 107 -5.43 14.07 10.27
C ALA B 107 -4.94 12.63 10.31
N ILE B 108 -5.80 11.74 10.79
CA ILE B 108 -5.47 10.31 10.88
C ILE B 108 -5.32 9.71 9.49
N GLY B 109 -6.30 9.97 8.62
CA GLY B 109 -6.26 9.43 7.28
C GLY B 109 -5.01 9.79 6.49
N GLY B 110 -4.62 11.07 6.56
CA GLY B 110 -3.44 11.51 5.85
C GLY B 110 -2.19 10.85 6.37
N THR B 111 -2.13 10.65 7.68
CA THR B 111 -0.98 10.02 8.30
C THR B 111 -0.86 8.57 7.87
N LEU B 112 -1.97 7.83 7.96
CA LEU B 112 -1.97 6.43 7.58
C LEU B 112 -1.73 6.21 6.08
N ASN B 113 -2.25 7.10 5.25
CA ASN B 113 -2.07 6.95 3.80
C ASN B 113 -0.59 6.98 3.43
N ALA B 114 0.17 7.86 4.07
CA ALA B 114 1.60 7.96 3.80
C ALA B 114 2.31 6.72 4.32
N LEU B 115 1.92 6.27 5.51
CA LEU B 115 2.53 5.08 6.11
C LEU B 115 2.27 3.85 5.25
N ARG B 116 1.08 3.74 4.68
CA ARG B 116 0.75 2.60 3.84
C ARG B 116 1.63 2.58 2.59
N ALA B 117 1.80 3.74 1.96
CA ALA B 117 2.63 3.84 0.76
C ALA B 117 4.04 3.35 1.06
N ALA B 118 4.58 3.83 2.19
CA ALA B 118 5.91 3.44 2.60
C ALA B 118 5.99 1.93 2.83
N ALA B 119 4.95 1.39 3.45
CA ALA B 119 4.90 -0.03 3.76
C ALA B 119 4.98 -0.90 2.52
N ALA B 120 4.30 -0.47 1.46
CA ALA B 120 4.28 -1.21 0.21
C ALA B 120 5.44 -0.88 -0.72
N THR B 121 6.37 -0.06 -0.25
CA THR B 121 7.53 0.33 -1.05
C THR B 121 8.80 -0.14 -0.35
N PRO B 122 9.34 -1.30 -0.77
CA PRO B 122 10.56 -1.90 -0.21
C PRO B 122 11.78 -0.99 -0.04
N SER B 123 11.94 -0.03 -0.94
CA SER B 123 13.08 0.88 -0.88
C SER B 123 13.10 1.76 0.37
N VAL B 124 11.93 2.06 0.90
CA VAL B 124 11.83 2.90 2.09
C VAL B 124 12.29 2.17 3.35
N LYS B 125 13.37 2.66 3.94
CA LYS B 125 13.93 2.05 5.16
C LYS B 125 13.57 2.84 6.41
N ARG B 126 13.44 4.16 6.25
CA ARG B 126 13.12 5.03 7.37
C ARG B 126 11.93 5.95 7.07
N PHE B 127 11.12 6.18 8.09
CA PHE B 127 9.96 7.05 7.97
C PHE B 127 9.95 7.95 9.20
N VAL B 128 9.90 9.26 8.99
CA VAL B 128 9.86 10.17 10.12
C VAL B 128 8.58 10.98 9.99
N LEU B 129 7.79 10.96 11.06
CA LEU B 129 6.53 11.69 11.08
C LEU B 129 6.66 12.98 11.86
N THR B 130 6.20 14.08 11.29
CA THR B 130 6.26 15.34 12.01
C THR B 130 4.98 15.45 12.81
N SER B 131 5.12 15.35 14.13
CA SER B 131 3.99 15.46 15.05
C SER B 131 4.10 16.83 15.74
N SER B 132 3.80 16.87 17.04
CA SER B 132 3.85 18.13 17.80
C SER B 132 3.84 17.83 19.29
N THR B 133 4.33 18.77 20.10
CA THR B 133 4.30 18.56 21.55
C THR B 133 2.86 18.49 22.06
N VAL B 134 1.90 18.99 21.28
CA VAL B 134 0.51 18.92 21.73
C VAL B 134 0.00 17.48 21.76
N SER B 135 0.76 16.54 21.18
CA SER B 135 0.35 15.14 21.24
C SER B 135 0.67 14.61 22.63
N ALA B 136 1.40 15.42 23.41
CA ALA B 136 1.77 15.09 24.78
C ALA B 136 0.97 15.95 25.76
N LEU B 137 0.88 17.25 25.48
CA LEU B 137 0.15 18.16 26.36
C LEU B 137 -0.11 19.53 25.77
N ILE B 138 -1.06 20.23 26.37
CA ILE B 138 -1.34 21.61 26.04
C ILE B 138 -0.61 22.25 27.22
N PRO B 139 0.28 23.22 26.96
CA PRO B 139 1.02 23.86 28.04
C PRO B 139 0.16 24.48 29.12
N LYS B 140 0.59 24.34 30.36
CA LYS B 140 -0.12 24.93 31.49
C LYS B 140 0.91 25.55 32.40
N PRO B 141 0.96 26.89 32.45
CA PRO B 141 1.93 27.56 33.30
C PRO B 141 1.68 27.45 34.80
N ASN B 142 2.75 27.60 35.57
CA ASN B 142 2.70 27.58 37.02
C ASN B 142 2.19 26.29 37.65
N VAL B 143 2.23 25.20 36.89
CA VAL B 143 1.80 23.91 37.40
C VAL B 143 3.03 23.02 37.51
N GLU B 144 3.24 22.52 38.73
CA GLU B 144 4.38 21.64 39.04
C GLU B 144 4.11 20.19 38.70
N GLY B 145 5.20 19.43 38.60
CA GLY B 145 5.10 18.00 38.35
C GLY B 145 4.86 17.54 36.92
N ILE B 146 5.03 18.42 35.95
CA ILE B 146 4.80 18.03 34.57
C ILE B 146 6.10 17.53 33.93
N TYR B 147 6.15 16.24 33.61
CA TYR B 147 7.31 15.65 32.98
C TYR B 147 6.82 14.86 31.78
N LEU B 148 7.22 15.28 30.59
CA LEU B 148 6.81 14.60 29.37
C LEU B 148 7.89 13.67 28.84
N ASP B 149 7.58 12.38 28.78
CA ASP B 149 8.54 11.45 28.20
C ASP B 149 7.86 10.80 27.00
N GLU B 150 8.45 9.76 26.46
CA GLU B 150 7.87 9.13 25.28
C GLU B 150 6.58 8.35 25.49
N LYS B 151 6.14 8.26 26.75
CA LYS B 151 4.90 7.57 27.07
C LYS B 151 3.82 8.58 27.43
N SER B 152 4.15 9.86 27.30
CA SER B 152 3.20 10.93 27.62
C SER B 152 2.26 11.23 26.45
N TRP B 153 0.96 11.12 26.70
CA TRP B 153 -0.04 11.38 25.66
C TRP B 153 -1.11 12.35 26.14
N ASN B 154 -1.56 13.21 25.23
CA ASN B 154 -2.57 14.21 25.53
C ASN B 154 -3.98 13.64 25.50
N LEU B 155 -4.31 12.82 26.49
CA LEU B 155 -5.64 12.24 26.56
C LEU B 155 -6.69 13.32 26.79
N GLU B 156 -6.32 14.35 27.55
CA GLU B 156 -7.21 15.46 27.85
C GLU B 156 -7.83 16.06 26.59
N SER B 157 -7.02 16.18 25.54
CA SER B 157 -7.48 16.77 24.28
C SER B 157 -8.57 15.97 23.59
N ILE B 158 -8.44 14.65 23.59
CA ILE B 158 -9.42 13.80 22.93
C ILE B 158 -10.79 14.00 23.55
N ASP B 159 -10.82 14.16 24.87
CA ASP B 159 -12.07 14.37 25.60
C ASP B 159 -12.65 15.77 25.38
N LYS B 160 -11.85 16.79 25.69
CA LYS B 160 -12.29 18.18 25.55
C LYS B 160 -12.64 18.57 24.12
N ALA B 161 -11.90 18.04 23.15
CA ALA B 161 -12.15 18.36 21.75
C ALA B 161 -13.59 18.03 21.39
N LYS B 162 -14.17 17.05 22.06
CA LYS B 162 -15.55 16.63 21.78
C LYS B 162 -16.58 17.34 22.65
N THR B 163 -16.29 17.47 23.94
CA THR B 163 -17.22 18.09 24.89
C THR B 163 -17.39 19.60 24.85
N LEU B 164 -16.32 20.34 24.56
CA LEU B 164 -16.41 21.80 24.52
C LEU B 164 -17.42 22.32 23.51
N PRO B 165 -18.10 23.42 23.83
CA PRO B 165 -19.09 23.98 22.91
C PRO B 165 -18.38 24.34 21.62
N GLU B 166 -19.09 24.25 20.49
CA GLU B 166 -18.47 24.56 19.21
C GLU B 166 -17.94 25.98 19.16
N SER B 167 -18.57 26.90 19.89
CA SER B 167 -18.15 28.29 19.88
C SER B 167 -17.21 28.65 21.04
N ASP B 168 -16.78 27.65 21.80
CA ASP B 168 -15.88 27.89 22.92
C ASP B 168 -14.57 28.49 22.41
N PRO B 169 -14.00 29.46 23.15
CA PRO B 169 -12.76 30.11 22.76
C PRO B 169 -11.54 29.20 22.61
N GLN B 170 -11.57 28.05 23.27
CA GLN B 170 -10.45 27.10 23.19
C GLN B 170 -10.80 25.85 22.38
N LYS B 171 -11.97 25.85 21.75
CA LYS B 171 -12.41 24.71 20.95
C LYS B 171 -11.43 24.31 19.86
N SER B 172 -11.04 25.27 19.02
CA SER B 172 -10.11 24.99 17.92
C SER B 172 -8.77 24.46 18.41
N LEU B 173 -8.28 25.01 19.52
CA LEU B 173 -7.00 24.57 20.08
C LEU B 173 -7.07 23.10 20.48
N TRP B 174 -8.12 22.73 21.20
CA TRP B 174 -8.27 21.36 21.65
C TRP B 174 -8.56 20.39 20.50
N VAL B 175 -9.31 20.84 19.50
CA VAL B 175 -9.60 19.98 18.37
C VAL B 175 -8.30 19.72 17.63
N TYR B 176 -7.46 20.76 17.51
CA TYR B 176 -6.17 20.61 16.84
C TYR B 176 -5.30 19.66 17.65
N ALA B 177 -5.25 19.84 18.97
CA ALA B 177 -4.43 18.98 19.81
C ALA B 177 -4.88 17.53 19.66
N ALA B 178 -6.19 17.32 19.68
CA ALA B 178 -6.74 15.98 19.54
C ALA B 178 -6.36 15.35 18.20
N SER B 179 -6.40 16.15 17.13
CA SER B 179 -6.05 15.64 15.81
C SER B 179 -4.60 15.16 15.72
N LYS B 180 -3.68 15.91 16.35
CA LYS B 180 -2.27 15.54 16.34
C LYS B 180 -2.04 14.31 17.21
N THR B 181 -2.71 14.28 18.36
CA THR B 181 -2.59 13.15 19.28
C THR B 181 -3.11 11.87 18.62
N GLU B 182 -4.31 11.93 18.07
CA GLU B 182 -4.91 10.77 17.42
C GLU B 182 -4.14 10.33 16.19
N ALA B 183 -3.61 11.29 15.43
CA ALA B 183 -2.85 10.98 14.24
C ALA B 183 -1.56 10.23 14.60
N GLU B 184 -0.86 10.69 15.63
CA GLU B 184 0.39 10.03 16.01
C GLU B 184 0.11 8.66 16.63
N LEU B 185 -0.94 8.56 17.43
CA LEU B 185 -1.30 7.29 18.03
C LEU B 185 -1.58 6.29 16.92
N ALA B 186 -2.31 6.74 15.90
CA ALA B 186 -2.64 5.87 14.78
C ALA B 186 -1.38 5.38 14.08
N ALA B 187 -0.37 6.25 13.98
CA ALA B 187 0.88 5.88 13.32
C ALA B 187 1.58 4.75 14.08
N TRP B 188 1.69 4.91 15.40
CA TRP B 188 2.34 3.87 16.19
C TRP B 188 1.51 2.59 16.19
N LYS B 189 0.19 2.73 16.20
CA LYS B 189 -0.71 1.58 16.18
C LYS B 189 -0.49 0.80 14.88
N PHE B 190 -0.36 1.53 13.78
CA PHE B 190 -0.13 0.91 12.48
C PHE B 190 1.18 0.11 12.50
N MET B 191 2.22 0.70 13.08
CA MET B 191 3.51 0.02 13.17
C MET B 191 3.41 -1.26 14.00
N ASP B 192 2.69 -1.19 15.11
CA ASP B 192 2.54 -2.33 16.00
C ASP B 192 1.64 -3.45 15.48
N GLU B 193 0.59 -3.08 14.77
CA GLU B 193 -0.35 -4.08 14.26
C GLU B 193 -0.08 -4.60 12.84
N ASN B 194 0.61 -3.82 12.02
CA ASN B 194 0.91 -4.26 10.66
C ASN B 194 2.40 -4.57 10.45
N LYS B 195 3.21 -4.23 11.45
CA LYS B 195 4.65 -4.48 11.42
C LYS B 195 5.29 -4.44 10.04
N PRO B 196 5.40 -3.23 9.44
CA PRO B 196 6.01 -3.10 8.11
C PRO B 196 7.53 -3.23 8.18
N HIS B 197 8.17 -3.24 7.01
CA HIS B 197 9.63 -3.37 6.94
C HIS B 197 10.43 -2.18 7.47
N PHE B 198 9.88 -0.97 7.33
CA PHE B 198 10.59 0.24 7.74
C PHE B 198 10.53 0.60 9.22
N THR B 199 11.44 1.49 9.63
CA THR B 199 11.51 1.95 11.01
C THR B 199 10.88 3.34 11.11
N LEU B 200 10.06 3.54 12.14
CA LEU B 200 9.39 4.82 12.34
C LEU B 200 9.96 5.59 13.52
N ASN B 201 10.00 6.91 13.35
CA ASN B 201 10.42 7.84 14.38
C ASN B 201 9.51 9.05 14.18
N ALA B 202 9.31 9.81 15.25
CA ALA B 202 8.47 11.00 15.15
C ALA B 202 9.18 12.15 15.84
N VAL B 203 9.10 13.32 15.21
CA VAL B 203 9.69 14.53 15.78
C VAL B 203 8.51 15.37 16.26
N LEU B 204 8.59 15.85 17.49
CA LEU B 204 7.50 16.63 18.08
C LEU B 204 7.98 18.04 18.45
N PRO B 205 7.89 18.98 17.50
CA PRO B 205 8.34 20.34 17.79
C PRO B 205 7.36 21.10 18.69
N ASN B 206 7.87 22.09 19.42
CA ASN B 206 6.97 22.95 20.18
C ASN B 206 6.97 24.20 19.28
N TYR B 207 7.42 25.36 19.78
CA TYR B 207 7.36 26.58 18.96
C TYR B 207 8.64 26.80 18.13
N THR B 208 8.58 26.49 16.85
CA THR B 208 9.74 26.62 15.97
C THR B 208 10.05 28.04 15.52
N ILE B 209 11.26 28.49 15.84
CA ILE B 209 11.73 29.85 15.50
C ILE B 209 12.92 29.78 14.56
N GLY B 210 12.82 30.43 13.40
CA GLY B 210 13.93 30.41 12.48
C GLY B 210 13.70 31.24 11.25
N THR B 211 14.70 31.27 10.38
CA THR B 211 14.63 32.02 9.13
C THR B 211 13.46 31.53 8.28
N ILE B 212 12.67 32.46 7.77
CA ILE B 212 11.55 32.12 6.91
C ILE B 212 12.05 32.24 5.47
N PHE B 213 12.38 31.10 4.86
CA PHE B 213 12.91 31.07 3.50
C PHE B 213 12.06 31.84 2.48
N ASP B 214 10.74 31.68 2.56
CA ASP B 214 9.86 32.38 1.64
C ASP B 214 8.68 33.00 2.39
N PRO B 215 8.86 34.24 2.90
CA PRO B 215 7.84 34.99 3.65
C PRO B 215 6.51 35.07 2.92
N GLU B 216 6.59 35.15 1.60
CA GLU B 216 5.40 35.25 0.77
C GLU B 216 4.36 34.17 1.04
N THR B 217 4.83 32.94 1.26
CA THR B 217 3.91 31.83 1.48
C THR B 217 4.00 31.12 2.84
N GLN B 218 4.97 31.49 3.67
CA GLN B 218 5.13 30.81 4.96
C GLN B 218 4.90 31.69 6.19
N SER B 219 4.24 32.83 6.02
CA SER B 219 4.01 33.75 7.14
C SER B 219 2.91 33.33 8.12
N GLY B 220 2.22 32.23 7.83
CA GLY B 220 1.18 31.76 8.73
C GLY B 220 1.73 30.79 9.75
N SER B 221 3.04 30.56 9.68
CA SER B 221 3.73 29.64 10.58
C SER B 221 4.03 30.26 11.94
N THR B 222 4.60 29.46 12.83
CA THR B 222 4.96 29.93 14.15
C THR B 222 5.91 31.12 14.01
N SER B 223 6.87 31.00 13.08
CA SER B 223 7.80 32.09 12.88
C SER B 223 7.15 33.28 12.19
N GLY B 224 6.13 33.01 11.38
CA GLY B 224 5.43 34.09 10.72
C GLY B 224 4.69 34.94 11.74
N TRP B 225 4.04 34.28 12.71
CA TRP B 225 3.32 35.01 13.74
C TRP B 225 4.27 35.86 14.56
N MET B 226 5.45 35.30 14.85
CA MET B 226 6.45 36.01 15.64
C MET B 226 6.95 37.22 14.87
N MET B 227 7.10 37.06 13.56
CA MET B 227 7.57 38.15 12.72
C MET B 227 6.54 39.29 12.71
N SER B 228 5.26 38.94 12.76
CA SER B 228 4.21 39.95 12.78
C SER B 228 4.33 40.80 14.04
N LEU B 229 4.67 40.15 15.16
CA LEU B 229 4.83 40.84 16.43
C LEU B 229 6.06 41.75 16.33
N PHE B 230 7.12 41.24 15.70
CA PHE B 230 8.34 42.02 15.51
C PHE B 230 8.00 43.30 14.77
N ASN B 231 7.12 43.19 13.79
CA ASN B 231 6.70 44.33 12.99
C ASN B 231 5.65 45.21 13.66
N GLY B 232 5.41 44.98 14.95
CA GLY B 232 4.49 45.81 15.70
C GLY B 232 3.05 45.39 15.89
N GLU B 233 2.65 44.30 15.26
CA GLU B 233 1.28 43.81 15.36
C GLU B 233 1.07 42.99 16.62
N VAL B 234 0.05 43.33 17.40
CA VAL B 234 -0.24 42.56 18.61
C VAL B 234 -1.56 41.84 18.38
N SER B 235 -1.45 40.55 18.11
CA SER B 235 -2.62 39.71 17.86
C SER B 235 -3.05 39.01 19.15
N PRO B 236 -4.32 39.18 19.55
CA PRO B 236 -4.77 38.51 20.77
C PRO B 236 -4.52 37.00 20.71
N ALA B 237 -4.69 36.43 19.53
CA ALA B 237 -4.49 35.00 19.32
C ALA B 237 -3.08 34.58 19.73
N LEU B 238 -2.11 35.47 19.51
CA LEU B 238 -0.73 35.18 19.86
C LEU B 238 -0.48 35.52 21.33
N ALA B 239 -0.92 36.70 21.72
CA ALA B 239 -0.74 37.18 23.09
C ALA B 239 -1.31 36.22 24.14
N LEU B 240 -2.37 35.50 23.79
CA LEU B 240 -3.02 34.59 24.72
C LEU B 240 -2.27 33.26 24.91
N MET B 241 -1.41 32.91 23.96
CA MET B 241 -0.64 31.67 24.05
C MET B 241 0.21 31.70 25.32
N PRO B 242 0.14 30.62 26.12
CA PRO B 242 0.91 30.54 27.36
C PRO B 242 2.39 30.29 27.16
N PRO B 243 3.18 30.49 28.22
CA PRO B 243 4.62 30.24 28.08
C PRO B 243 4.77 28.76 27.75
N GLN B 244 5.80 28.44 26.97
CA GLN B 244 6.07 27.06 26.59
C GLN B 244 7.48 26.94 26.06
N TYR B 245 7.77 25.92 25.25
CA TYR B 245 9.12 25.76 24.74
C TYR B 245 9.31 26.21 23.30
N TYR B 246 10.50 26.74 23.01
CA TYR B 246 10.84 27.16 21.66
C TYR B 246 11.83 26.12 21.16
N VAL B 247 12.14 26.19 19.88
CA VAL B 247 13.14 25.30 19.28
C VAL B 247 13.54 25.93 17.96
N SER B 248 14.83 25.91 17.67
CA SER B 248 15.35 26.48 16.44
C SER B 248 14.89 25.69 15.22
N ALA B 249 14.58 26.40 14.14
CA ALA B 249 14.15 25.76 12.90
C ALA B 249 15.29 24.89 12.38
N VAL B 250 16.52 25.33 12.62
CA VAL B 250 17.68 24.57 12.17
C VAL B 250 17.74 23.25 12.94
N ASP B 251 17.54 23.33 14.25
CA ASP B 251 17.57 22.12 15.07
C ASP B 251 16.45 21.15 14.68
N ILE B 252 15.27 21.68 14.33
CA ILE B 252 14.19 20.80 13.93
C ILE B 252 14.58 20.06 12.66
N GLY B 253 15.26 20.75 11.76
CA GLY B 253 15.70 20.11 10.53
C GLY B 253 16.68 18.99 10.86
N LEU B 254 17.58 19.27 11.80
CA LEU B 254 18.58 18.28 12.23
C LEU B 254 17.92 17.07 12.89
N LEU B 255 16.86 17.31 13.67
CA LEU B 255 16.20 16.19 14.33
C LEU B 255 15.55 15.25 13.32
N HIS B 256 14.95 15.81 12.26
CA HIS B 256 14.34 14.99 11.22
C HIS B 256 15.45 14.22 10.49
N LEU B 257 16.57 14.88 10.22
CA LEU B 257 17.69 14.23 9.55
C LEU B 257 18.16 13.05 10.38
N GLY B 258 18.35 13.27 11.68
CA GLY B 258 18.80 12.20 12.55
C GLY B 258 17.83 11.02 12.56
N CYS B 259 16.53 11.32 12.57
CA CYS B 259 15.52 10.27 12.59
C CYS B 259 15.53 9.47 11.28
N LEU B 260 16.00 10.10 10.21
CA LEU B 260 16.04 9.43 8.93
C LEU B 260 17.30 8.63 8.67
N VAL B 261 18.41 8.99 9.32
CA VAL B 261 19.67 8.30 9.04
C VAL B 261 20.51 7.72 10.18
N LEU B 262 20.25 8.13 11.42
CA LEU B 262 21.06 7.60 12.51
C LEU B 262 20.59 6.22 12.94
N PRO B 263 21.50 5.24 12.91
CA PRO B 263 21.18 3.85 13.29
C PRO B 263 20.68 3.66 14.71
N GLN B 264 21.14 4.51 15.63
CA GLN B 264 20.75 4.40 17.03
C GLN B 264 19.40 5.01 17.41
N ILE B 265 18.69 5.56 16.42
CA ILE B 265 17.39 6.17 16.69
C ILE B 265 16.27 5.38 16.02
N GLU B 266 15.54 4.62 16.82
CA GLU B 266 14.44 3.79 16.31
C GLU B 266 13.25 3.81 17.25
N ARG B 267 12.05 3.97 16.69
CA ARG B 267 10.82 3.97 17.46
C ARG B 267 10.81 5.02 18.58
N ARG B 268 11.29 6.22 18.26
CA ARG B 268 11.35 7.27 19.25
C ARG B 268 10.42 8.44 18.97
N ARG B 269 10.04 9.13 20.03
CA ARG B 269 9.24 10.35 19.94
C ARG B 269 10.29 11.37 20.37
N VAL B 270 10.76 12.14 19.40
CA VAL B 270 11.81 13.11 19.59
C VAL B 270 11.28 14.52 19.82
N TYR B 271 11.38 14.99 21.05
CA TYR B 271 10.89 16.31 21.42
C TYR B 271 11.78 17.47 20.94
N GLY B 272 11.16 18.39 20.19
CA GLY B 272 11.86 19.57 19.72
C GLY B 272 11.52 20.67 20.73
N THR B 273 12.17 20.59 21.88
CA THR B 273 11.95 21.51 23.00
C THR B 273 13.28 21.94 23.58
N ALA B 274 13.80 23.05 23.08
CA ALA B 274 15.10 23.57 23.49
C ALA B 274 15.12 24.23 24.86
N GLY B 275 14.14 25.10 25.10
CA GLY B 275 14.08 25.79 26.38
C GLY B 275 12.76 26.53 26.46
N THR B 276 12.43 27.06 27.63
CA THR B 276 11.19 27.78 27.82
C THR B 276 11.30 29.24 27.36
N PHE B 277 10.15 29.85 27.11
CA PHE B 277 10.11 31.24 26.70
C PHE B 277 8.70 31.76 26.91
N ASP B 278 8.54 33.07 26.84
CA ASP B 278 7.24 33.71 26.92
C ASP B 278 7.36 34.91 26.00
N TRP B 279 6.24 35.59 25.72
CA TRP B 279 6.29 36.71 24.81
C TRP B 279 7.17 37.86 25.26
N ASN B 280 7.35 38.02 26.57
CA ASN B 280 8.18 39.09 27.06
C ASN B 280 9.67 38.81 26.88
N THR B 281 10.05 37.54 26.90
CA THR B 281 11.45 37.23 26.67
C THR B 281 11.71 37.42 25.17
N VAL B 282 10.70 37.17 24.35
CA VAL B 282 10.83 37.37 22.91
C VAL B 282 10.96 38.87 22.64
N LEU B 283 10.12 39.67 23.27
CA LEU B 283 10.18 41.13 23.08
C LEU B 283 11.53 41.66 23.57
N ALA B 284 12.01 41.12 24.68
CA ALA B 284 13.29 41.55 25.22
C ALA B 284 14.39 41.28 24.19
N THR B 285 14.30 40.14 23.51
CA THR B 285 15.29 39.77 22.50
C THR B 285 15.22 40.72 21.31
N PHE B 286 13.99 41.06 20.92
CA PHE B 286 13.80 41.99 19.80
C PHE B 286 14.47 43.33 20.11
N ARG B 287 14.20 43.84 21.31
CA ARG B 287 14.76 45.12 21.75
C ARG B 287 16.28 45.15 21.76
N LYS B 288 16.88 44.03 22.13
CA LYS B 288 18.35 43.97 22.17
C LYS B 288 18.93 43.93 20.76
N LEU B 289 18.28 43.19 19.86
CA LEU B 289 18.72 43.07 18.49
C LEU B 289 18.52 44.32 17.67
N TYR B 290 17.45 45.06 17.97
CA TYR B 290 17.14 46.30 17.27
C TYR B 290 16.92 47.40 18.30
N PRO B 291 18.02 47.92 18.88
CA PRO B 291 18.06 48.96 19.89
C PRO B 291 17.27 50.22 19.57
N SER B 292 17.28 50.62 18.31
CA SER B 292 16.61 51.85 17.88
C SER B 292 15.21 51.67 17.34
N LYS B 293 14.69 50.44 17.43
CA LYS B 293 13.35 50.18 16.92
C LYS B 293 12.32 50.18 18.03
N THR B 294 11.09 50.56 17.69
CA THR B 294 10.01 50.57 18.66
C THR B 294 9.28 49.24 18.58
N PHE B 295 9.03 48.65 19.74
CA PHE B 295 8.36 47.36 19.82
C PHE B 295 7.19 47.41 20.80
N PRO B 296 6.25 46.46 20.67
CA PRO B 296 5.12 46.45 21.60
C PRO B 296 5.62 46.34 23.03
N ALA B 297 4.87 46.88 23.97
CA ALA B 297 5.24 46.83 25.38
C ALA B 297 5.00 45.40 25.87
N ASP B 298 5.62 45.06 27.01
CA ASP B 298 5.46 43.71 27.56
C ASP B 298 3.99 43.41 27.86
N PHE B 299 3.65 42.14 27.75
CA PHE B 299 2.29 41.69 28.02
C PHE B 299 2.16 41.38 29.50
N PRO B 300 0.93 41.27 30.02
CA PRO B 300 0.76 40.96 31.44
C PRO B 300 1.47 39.64 31.72
N ASP B 301 2.11 39.52 32.88
CA ASP B 301 2.83 38.31 33.23
C ASP B 301 1.87 37.12 33.22
N GLN B 302 2.25 36.06 32.50
CA GLN B 302 1.43 34.88 32.40
C GLN B 302 2.04 33.74 33.22
N GLY B 303 3.05 34.05 34.02
CA GLY B 303 3.69 33.03 34.82
C GLY B 303 4.78 32.36 34.01
N GLN B 304 5.10 31.11 34.33
CA GLN B 304 6.14 30.42 33.59
C GLN B 304 5.85 28.94 33.42
N ASP B 305 6.50 28.35 32.41
CA ASP B 305 6.35 26.93 32.12
C ASP B 305 7.30 26.17 33.03
N LEU B 306 6.76 25.37 33.94
CA LEU B 306 7.58 24.61 34.87
C LEU B 306 7.77 23.16 34.45
N SER B 307 7.29 22.82 33.26
CA SER B 307 7.40 21.46 32.77
C SER B 307 8.77 21.11 32.23
N LYS B 308 9.03 19.82 32.11
CA LYS B 308 10.29 19.31 31.59
C LYS B 308 10.00 18.21 30.58
N PHE B 309 10.80 18.17 29.51
CA PHE B 309 10.66 17.18 28.44
C PHE B 309 11.85 16.23 28.42
N ASP B 310 11.59 14.96 28.14
CA ASP B 310 12.67 13.97 28.02
C ASP B 310 13.24 14.15 26.62
N THR B 311 14.30 14.94 26.52
CA THR B 311 14.94 15.23 25.24
C THR B 311 16.14 14.33 24.94
N ALA B 312 16.24 13.19 25.61
CA ALA B 312 17.38 12.29 25.41
C ALA B 312 17.69 11.98 23.94
N PRO B 313 16.71 11.45 23.18
CA PRO B 313 17.05 11.16 21.78
C PRO B 313 17.39 12.42 20.99
N SER B 314 16.78 13.54 21.36
CA SER B 314 17.06 14.80 20.67
C SER B 314 18.52 15.19 20.88
N LEU B 315 18.97 15.11 22.12
CA LEU B 315 20.36 15.44 22.46
C LEU B 315 21.32 14.46 21.82
N GLU B 316 20.92 13.20 21.73
CA GLU B 316 21.75 12.18 21.11
C GLU B 316 21.93 12.49 19.63
N ILE B 317 20.84 12.86 18.98
CA ILE B 317 20.87 13.20 17.57
C ILE B 317 21.74 14.41 17.30
N LEU B 318 21.54 15.48 18.07
CA LEU B 318 22.31 16.69 17.88
C LEU B 318 23.81 16.47 18.04
N LYS B 319 24.20 15.69 19.05
CA LYS B 319 25.62 15.44 19.27
C LYS B 319 26.19 14.57 18.15
N SER B 320 25.43 13.55 17.74
CA SER B 320 25.89 12.65 16.67
C SER B 320 26.10 13.40 15.35
N LEU B 321 25.31 14.44 15.13
CA LEU B 321 25.42 15.21 13.89
C LEU B 321 26.45 16.35 13.99
N GLY B 322 27.25 16.33 15.04
CA GLY B 322 28.27 17.36 15.20
C GLY B 322 27.76 18.75 15.54
N ARG B 323 26.49 18.84 15.90
CA ARG B 323 25.88 20.14 16.25
C ARG B 323 25.26 19.97 17.63
N PRO B 324 26.07 19.55 18.62
CA PRO B 324 25.58 19.34 19.99
C PRO B 324 24.95 20.56 20.65
N GLY B 325 24.00 20.30 21.53
CA GLY B 325 23.32 21.38 22.23
C GLY B 325 22.32 22.08 21.35
N TRP B 326 21.31 22.66 21.99
CA TRP B 326 20.28 23.39 21.26
C TRP B 326 20.75 24.80 20.95
N ARG B 327 20.33 25.32 19.81
CA ARG B 327 20.65 26.69 19.44
C ARG B 327 19.84 27.54 20.42
N SER B 328 20.42 28.63 20.90
CA SER B 328 19.76 29.51 21.86
C SER B 328 18.57 30.22 21.25
N ILE B 329 17.71 30.76 22.09
CA ILE B 329 16.55 31.48 21.58
C ILE B 329 17.05 32.80 20.98
N GLU B 330 18.13 33.33 21.53
CA GLU B 330 18.71 34.57 21.01
C GLU B 330 19.14 34.35 19.56
N GLU B 331 19.86 33.25 19.30
CA GLU B 331 20.30 32.97 17.95
C GLU B 331 19.14 32.59 17.04
N SER B 332 18.16 31.88 17.59
CA SER B 332 17.01 31.46 16.82
C SER B 332 16.21 32.67 16.35
N ILE B 333 15.98 33.61 17.26
CA ILE B 333 15.23 34.81 16.92
C ILE B 333 16.02 35.64 15.92
N LYS B 334 17.34 35.69 16.09
CA LYS B 334 18.16 36.45 15.16
C LYS B 334 18.08 35.83 13.77
N ASP B 335 17.96 34.50 13.70
CA ASP B 335 17.83 33.83 12.41
C ASP B 335 16.56 34.30 11.73
N LEU B 336 15.54 34.60 12.54
CA LEU B 336 14.26 35.04 12.01
C LEU B 336 14.21 36.53 11.64
N VAL B 337 14.57 37.39 12.58
CA VAL B 337 14.49 38.83 12.34
C VAL B 337 15.81 39.56 12.06
N GLY B 338 16.93 38.87 12.19
CA GLY B 338 18.20 39.52 11.95
C GLY B 338 18.56 40.50 13.05
N SER B 339 19.31 41.54 12.72
CA SER B 339 19.70 42.54 13.70
C SER B 339 19.92 43.91 13.06
N GLU B 340 19.81 44.95 13.87
CA GLU B 340 19.99 46.32 13.43
C GLU B 340 21.43 46.55 12.98
N THR B 341 21.62 47.42 11.98
CA THR B 341 22.95 47.73 11.48
C THR B 341 23.72 48.56 12.49
N ALA B 342 25.02 48.74 12.25
CA ALA B 342 25.87 49.51 13.15
C ALA B 342 25.46 50.99 13.13
#